data_5WFR
#
_entry.id   5WFR
#
_cell.length_a   183.903
_cell.length_b   183.903
_cell.length_c   178.387
_cell.angle_alpha   90.00
_cell.angle_beta   90.00
_cell.angle_gamma   90.00
#
_symmetry.space_group_name_H-M   'I 4 2 2'
#
loop_
_entity.id
_entity.type
_entity.pdbx_description
1 polymer 'GTPase HRas'
2 polymer 'Son of sevenless homolog 1'
3 non-polymer 'MAGNESIUM ION'
4 non-polymer 'PHOSPHOAMINOPHOSPHONIC ACID-GUANYLATE ESTER'
5 non-polymer ~{N}-(3,3-diphenylpropyl)piperidin-4-amine
6 water water
#
loop_
_entity_poly.entity_id
_entity_poly.type
_entity_poly.pdbx_seq_one_letter_code
_entity_poly.pdbx_strand_id
1 'polypeptide(L)'
;GMTEYKLVVVGAGGVGKSALTIQLIQNHFVDEYDPTIEDSYRKQVVIDGETCLLDILDTAGQEEYSAMRDQYMRTGEGFL
CVFAINNTKSFEDIHQYREQIKRVKDSDDVPMVLVGNKCDLAARTVESRQAQDLARSYGIPYIETSAKTRQGVEDAFYTL
VREIRQH
;
Q,R
2 'polypeptide(L)'
;GQMRLPSADVYRFAEPDSEENIIFEENMQPKAGIPIIKAGTVIKLIERLTYHMYADPNFVRTFLTTYRSFCKPQELLSLI
IERFEIPEPEPTEADRIAIENGDQPLSAELKRFRKEYIQPVQLRVLNVCRHWVEHHFYDFERDAYLLQRMEEFIGTVRGK
AMKKWVESITKIIQRKKIARDNGPGHNITFQSSPPTVEWHISRPGHIETFDLLTLHPIEIARQLTLLESDLYRAVQPSEL
VGSVWTKEDKEINSPNLLKMIRHTTNLTLWFEKCIVETENLEERVAVVSRIIEILQVFQELNNFNGVLEVVSAMNSSPVY
RLDHTFEQIPSRQKKILEEAHELSEDHYKKYLAKLRSINPPCVPFFGIYLTNILKTEEGNPEVLKRHGKELINFSKRRKV
AEITGEIQQYQNQPYCLRVESDIKRFFENLNPMGNSMEKEFTDYLFNKSLEIEPRNPKPLPRFPKKYSYPLKSPGVRPSN
PR
;
N
#
loop_
_chem_comp.id
_chem_comp.type
_chem_comp.name
_chem_comp.formula
5UW non-polymer ~{N}-(3,3-diphenylpropyl)piperidin-4-amine 'C20 H26 N2'
GNP non-polymer 'PHOSPHOAMINOPHOSPHONIC ACID-GUANYLATE ESTER' 'C10 H17 N6 O13 P3'
MG non-polymer 'MAGNESIUM ION' 'Mg 2'
#
# COMPACT_ATOMS: atom_id res chain seq x y z
N MET A 2 1.38 16.73 -4.17
CA MET A 2 1.46 16.64 -5.62
C MET A 2 0.08 16.83 -6.23
N THR A 3 0.05 17.25 -7.48
CA THR A 3 -1.21 17.51 -8.14
C THR A 3 -1.87 16.20 -8.57
N GLU A 4 -3.18 16.15 -8.44
CA GLU A 4 -3.96 15.00 -8.84
C GLU A 4 -4.76 15.32 -10.11
N TYR A 5 -4.72 14.44 -11.12
CA TYR A 5 -5.48 14.63 -12.35
C TYR A 5 -6.50 13.52 -12.55
N LYS A 6 -7.76 13.92 -12.76
CA LYS A 6 -8.85 12.97 -13.01
C LYS A 6 -9.04 12.75 -14.51
N LEU A 7 -8.63 11.59 -15.00
CA LEU A 7 -8.74 11.27 -16.41
C LEU A 7 -9.83 10.24 -16.61
N VAL A 8 -10.57 10.39 -17.70
CA VAL A 8 -11.64 9.47 -18.04
C VAL A 8 -11.44 8.92 -19.44
N VAL A 9 -11.54 7.60 -19.58
CA VAL A 9 -11.41 6.98 -20.89
C VAL A 9 -12.78 6.52 -21.42
N VAL A 10 -13.19 7.06 -22.57
CA VAL A 10 -14.51 6.82 -23.13
C VAL A 10 -14.41 6.35 -24.58
N GLY A 11 -15.50 5.75 -25.09
CA GLY A 11 -15.52 5.18 -26.43
C GLY A 11 -16.39 3.92 -26.54
N ALA A 12 -16.71 3.54 -27.77
CA ALA A 12 -17.55 2.36 -28.04
C ALA A 12 -16.95 1.09 -27.44
N GLY A 13 -17.78 0.08 -27.25
CA GLY A 13 -17.33 -1.18 -26.68
C GLY A 13 -16.35 -1.89 -27.58
N GLY A 14 -15.31 -2.47 -26.98
CA GLY A 14 -14.36 -3.26 -27.72
C GLY A 14 -13.22 -2.49 -28.39
N VAL A 15 -13.17 -1.18 -28.23
CA VAL A 15 -12.12 -0.43 -28.93
C VAL A 15 -10.75 -0.50 -28.24
N GLY A 16 -10.73 -0.91 -26.97
CA GLY A 16 -9.49 -1.11 -26.25
C GLY A 16 -9.20 -0.11 -25.13
N LYS A 17 -10.25 0.48 -24.58
CA LYS A 17 -10.09 1.40 -23.45
C LYS A 17 -9.37 0.74 -22.26
N SER A 18 -9.76 -0.49 -21.94
CA SER A 18 -9.20 -1.19 -20.79
C SER A 18 -7.81 -1.68 -21.08
N ALA A 19 -7.60 -2.18 -22.29
CA ALA A 19 -6.28 -2.63 -22.69
C ALA A 19 -5.28 -1.46 -22.66
N LEU A 20 -5.68 -0.28 -23.15
CA LEU A 20 -4.78 0.88 -23.11
C LEU A 20 -4.42 1.24 -21.68
N THR A 21 -5.42 1.29 -20.83
CA THR A 21 -5.25 1.67 -19.44
C THR A 21 -4.35 0.67 -18.68
N ILE A 22 -4.59 -0.62 -18.85
CA ILE A 22 -3.81 -1.64 -18.15
C ILE A 22 -2.36 -1.72 -18.69
N GLN A 23 -2.18 -1.43 -19.97
CA GLN A 23 -0.83 -1.30 -20.54
C GLN A 23 -0.08 -0.14 -19.88
N LEU A 24 -0.75 0.98 -19.68
CA LEU A 24 -0.15 2.13 -19.03
C LEU A 24 0.23 1.83 -17.59
N ILE A 25 -0.67 1.17 -16.87
CA ILE A 25 -0.55 0.95 -15.44
C ILE A 25 0.42 -0.19 -15.10
N GLN A 26 0.40 -1.26 -15.90
CA GLN A 26 1.09 -2.50 -15.56
C GLN A 26 2.08 -3.02 -16.61
N ASN A 27 2.22 -2.30 -17.71
CA ASN A 27 3.06 -2.75 -18.84
C ASN A 27 2.70 -4.16 -19.31
N HIS A 28 1.41 -4.42 -19.37
CA HIS A 28 0.88 -5.74 -19.62
C HIS A 28 -0.30 -5.64 -20.61
N PHE A 29 -0.28 -6.44 -21.67
CA PHE A 29 -1.35 -6.44 -22.65
C PHE A 29 -2.44 -7.47 -22.33
N VAL A 30 -3.66 -6.99 -22.12
CA VAL A 30 -4.80 -7.86 -21.85
C VAL A 30 -5.39 -8.39 -23.15
N ASP A 31 -5.34 -9.70 -23.35
CA ASP A 31 -5.83 -10.29 -24.58
C ASP A 31 -7.33 -10.63 -24.58
N GLU A 32 -7.87 -10.92 -23.40
CA GLU A 32 -9.27 -11.22 -23.24
C GLU A 32 -10.11 -9.97 -23.39
N TYR A 33 -11.35 -10.18 -23.78
CA TYR A 33 -12.31 -9.10 -23.93
C TYR A 33 -13.37 -9.28 -22.82
N ASP A 34 -13.17 -8.61 -21.70
CA ASP A 34 -14.14 -8.61 -20.62
C ASP A 34 -14.77 -7.22 -20.49
N PRO A 35 -16.02 -7.07 -20.91
CA PRO A 35 -16.61 -5.73 -20.90
C PRO A 35 -16.65 -5.07 -19.52
N THR A 36 -16.19 -3.83 -19.50
CA THR A 36 -16.11 -3.03 -18.31
C THR A 36 -17.48 -2.52 -17.90
N ILE A 37 -17.68 -2.37 -16.59
CA ILE A 37 -18.79 -1.63 -16.05
C ILE A 37 -18.26 -0.27 -15.58
N GLU A 38 -17.32 -0.27 -14.63
CA GLU A 38 -16.60 0.95 -14.22
C GLU A 38 -15.40 0.58 -13.34
N ASP A 39 -14.21 0.98 -13.77
CA ASP A 39 -12.96 0.65 -13.06
C ASP A 39 -12.11 1.89 -12.84
N SER A 40 -11.30 1.84 -11.79
CA SER A 40 -10.53 2.97 -11.31
C SER A 40 -9.06 2.57 -11.11
N TYR A 41 -8.13 3.45 -11.50
CA TYR A 41 -6.70 3.17 -11.42
C TYR A 41 -5.95 4.42 -11.00
N ARG A 42 -4.81 4.22 -10.34
CA ARG A 42 -4.00 5.33 -9.87
C ARG A 42 -2.58 5.13 -10.34
N LYS A 43 -1.92 6.22 -10.71
CA LYS A 43 -0.54 6.16 -11.16
C LYS A 43 0.23 7.43 -10.80
N GLN A 44 1.29 7.25 -10.05
CA GLN A 44 2.26 8.32 -9.79
C GLN A 44 3.30 8.32 -10.91
N VAL A 45 3.52 9.49 -11.52
CA VAL A 45 4.45 9.57 -12.61
C VAL A 45 5.02 10.98 -12.74
N VAL A 46 6.26 11.09 -13.23
CA VAL A 46 6.86 12.39 -13.45
C VAL A 46 6.64 12.80 -14.90
N ILE A 47 5.89 13.88 -15.10
CA ILE A 47 5.63 14.40 -16.44
C ILE A 47 6.22 15.81 -16.58
N ASP A 48 7.11 15.98 -17.56
CA ASP A 48 7.82 17.25 -17.76
C ASP A 48 8.45 17.73 -16.46
N GLY A 49 9.09 16.82 -15.74
CA GLY A 49 9.79 17.20 -14.52
C GLY A 49 8.93 17.39 -13.29
N GLU A 50 7.61 17.22 -13.41
CA GLU A 50 6.74 17.36 -12.25
C GLU A 50 5.98 16.10 -11.92
N THR A 51 5.96 15.76 -10.63
CA THR A 51 5.30 14.55 -10.19
C THR A 51 3.79 14.74 -10.14
N CYS A 52 3.08 13.78 -10.75
CA CYS A 52 1.62 13.79 -10.86
C CYS A 52 1.02 12.54 -10.26
N LEU A 53 -0.16 12.68 -9.69
CA LEU A 53 -1.01 11.53 -9.41
C LEU A 53 -2.14 11.46 -10.43
N LEU A 54 -2.14 10.43 -11.26
CA LEU A 54 -3.24 10.22 -12.21
C LEU A 54 -4.32 9.31 -11.62
N ASP A 55 -5.56 9.80 -11.55
CA ASP A 55 -6.71 8.94 -11.32
C ASP A 55 -7.37 8.64 -12.66
N ILE A 56 -7.42 7.37 -13.02
CA ILE A 56 -7.98 7.01 -14.31
C ILE A 56 -9.26 6.20 -14.12
N LEU A 57 -10.33 6.71 -14.70
CA LEU A 57 -11.61 6.05 -14.70
C LEU A 57 -11.85 5.37 -16.05
N ASP A 58 -11.88 4.04 -16.03
CA ASP A 58 -12.13 3.21 -17.20
C ASP A 58 -13.64 2.96 -17.33
N THR A 59 -14.25 3.35 -18.46
CA THR A 59 -15.71 3.31 -18.51
C THR A 59 -16.24 2.21 -19.41
N ALA A 60 -17.55 2.01 -19.32
CA ALA A 60 -18.24 0.99 -20.10
C ALA A 60 -18.59 1.50 -21.49
N GLY A 61 -18.26 0.73 -22.51
CA GLY A 61 -18.61 1.12 -23.87
C GLY A 61 -19.90 0.47 -24.39
N GLN A 62 -20.32 -0.65 -23.78
CA GLN A 62 -21.50 -1.35 -24.26
C GLN A 62 -22.73 -0.47 -24.13
N GLU A 63 -23.59 -0.51 -25.15
CA GLU A 63 -24.75 0.38 -25.22
C GLU A 63 -25.69 0.22 -24.03
N GLU A 64 -25.76 -1.00 -23.50
CA GLU A 64 -26.62 -1.30 -22.37
C GLU A 64 -26.28 -0.48 -21.13
N TYR A 65 -25.08 0.10 -21.10
CA TYR A 65 -24.67 0.90 -19.95
C TYR A 65 -24.72 2.42 -20.20
N SER A 66 -25.34 2.83 -21.30
CA SER A 66 -25.31 4.23 -21.74
C SER A 66 -26.04 5.22 -20.81
N ALA A 67 -26.90 4.74 -19.92
CA ALA A 67 -27.57 5.63 -18.99
C ALA A 67 -26.63 6.11 -17.87
N MET A 68 -25.51 5.41 -17.70
CA MET A 68 -24.59 5.70 -16.61
C MET A 68 -23.46 6.64 -17.03
N ARG A 69 -23.55 7.18 -18.23
CA ARG A 69 -22.45 7.94 -18.83
C ARG A 69 -22.22 9.31 -18.19
N ASP A 70 -23.29 10.07 -18.01
CA ASP A 70 -23.15 11.41 -17.44
C ASP A 70 -22.57 11.32 -16.05
N GLN A 71 -22.78 10.18 -15.42
CA GLN A 71 -22.39 9.99 -14.03
C GLN A 71 -20.88 10.09 -13.89
N TYR A 72 -20.14 9.56 -14.87
CA TYR A 72 -18.69 9.66 -14.79
C TYR A 72 -18.07 10.86 -15.51
N MET A 73 -18.81 11.48 -16.43
CA MET A 73 -18.32 12.68 -17.10
C MET A 73 -18.35 13.88 -16.20
N ARG A 74 -19.13 13.82 -15.13
CA ARG A 74 -19.22 14.96 -14.22
C ARG A 74 -17.91 15.21 -13.49
N THR A 75 -17.32 14.15 -12.98
CA THR A 75 -16.08 14.22 -12.21
C THR A 75 -14.82 14.50 -13.06
N GLY A 76 -14.78 14.00 -14.29
CA GLY A 76 -13.57 14.08 -15.09
C GLY A 76 -13.05 15.49 -15.39
N GLU A 77 -11.73 15.63 -15.38
CA GLU A 77 -11.10 16.89 -15.78
C GLU A 77 -10.66 16.82 -17.24
N GLY A 78 -10.44 15.61 -17.74
CA GLY A 78 -9.94 15.42 -19.09
C GLY A 78 -10.38 14.06 -19.60
N PHE A 79 -10.50 13.95 -20.92
CA PHE A 79 -11.08 12.75 -21.52
C PHE A 79 -10.25 12.22 -22.66
N LEU A 80 -10.02 10.92 -22.62
CA LEU A 80 -9.44 10.20 -23.74
C LEU A 80 -10.59 9.62 -24.53
N CYS A 81 -10.78 10.06 -25.77
CA CYS A 81 -11.84 9.52 -26.62
C CYS A 81 -11.28 8.54 -27.64
N VAL A 82 -11.58 7.27 -27.41
CA VAL A 82 -10.93 6.17 -28.13
C VAL A 82 -11.85 5.55 -29.16
N PHE A 83 -11.31 5.29 -30.35
CA PHE A 83 -12.00 4.47 -31.33
C PHE A 83 -10.97 3.49 -31.81
N ALA A 84 -11.38 2.47 -32.56
CA ALA A 84 -10.41 1.54 -33.14
C ALA A 84 -10.31 1.79 -34.63
N ILE A 85 -9.09 1.83 -35.16
CA ILE A 85 -8.88 2.19 -36.55
C ILE A 85 -9.36 1.11 -37.53
N ASN A 86 -9.80 -0.03 -37.01
CA ASN A 86 -10.36 -1.07 -37.87
C ASN A 86 -11.87 -1.18 -37.68
N ASN A 87 -12.47 -0.16 -37.06
CA ASN A 87 -13.90 -0.18 -36.77
C ASN A 87 -14.54 1.18 -37.07
N THR A 88 -15.11 1.31 -38.26
CA THR A 88 -15.69 2.56 -38.72
C THR A 88 -16.79 3.02 -37.81
N LYS A 89 -17.57 2.07 -37.30
CA LYS A 89 -18.69 2.41 -36.44
C LYS A 89 -18.21 3.06 -35.14
N SER A 90 -17.09 2.58 -34.59
CA SER A 90 -16.56 3.17 -33.36
C SER A 90 -16.09 4.60 -33.61
N PHE A 91 -15.58 4.87 -34.81
CA PHE A 91 -15.22 6.23 -35.19
C PHE A 91 -16.45 7.13 -35.27
N GLU A 92 -17.53 6.65 -35.87
CA GLU A 92 -18.75 7.45 -35.94
C GLU A 92 -19.38 7.74 -34.58
N ASP A 93 -19.14 6.88 -33.60
CA ASP A 93 -19.64 7.10 -32.24
C ASP A 93 -18.92 8.26 -31.52
N ILE A 94 -17.72 8.61 -31.96
CA ILE A 94 -16.92 9.65 -31.29
C ILE A 94 -17.70 10.93 -31.11
N HIS A 95 -18.38 11.33 -32.18
CA HIS A 95 -19.18 12.55 -32.25
C HIS A 95 -20.16 12.64 -31.08
N GLN A 96 -20.81 11.52 -30.77
CA GLN A 96 -21.80 11.46 -29.70
C GLN A 96 -21.18 11.63 -28.31
N TYR A 97 -19.99 11.06 -28.09
CA TYR A 97 -19.29 11.24 -26.83
C TYR A 97 -18.88 12.69 -26.64
N ARG A 98 -18.35 13.29 -27.72
CA ARG A 98 -17.93 14.68 -27.72
CA ARG A 98 -17.93 14.68 -27.70
C ARG A 98 -19.07 15.58 -27.27
N GLU A 99 -20.23 15.40 -27.89
CA GLU A 99 -21.38 16.26 -27.59
C GLU A 99 -21.90 16.05 -26.18
N GLN A 100 -21.90 14.81 -25.71
CA GLN A 100 -22.40 14.56 -24.36
C GLN A 100 -21.47 15.16 -23.32
N ILE A 101 -20.17 15.07 -23.56
CA ILE A 101 -19.20 15.67 -22.64
C ILE A 101 -19.40 17.20 -22.57
N LYS A 102 -19.55 17.84 -23.71
CA LYS A 102 -19.83 19.27 -23.74
C LYS A 102 -21.11 19.62 -22.99
N ARG A 103 -22.16 18.83 -23.21
N ARG A 103 -22.16 18.84 -23.23
CA ARG A 103 -23.44 19.05 -22.54
CA ARG A 103 -23.45 18.97 -22.56
C ARG A 103 -23.30 18.94 -21.03
C ARG A 103 -23.31 18.93 -21.05
N VAL A 104 -22.74 17.82 -20.56
CA VAL A 104 -22.61 17.59 -19.12
C VAL A 104 -21.74 18.65 -18.45
N LYS A 105 -20.52 18.83 -18.93
CA LYS A 105 -19.62 19.80 -18.31
C LYS A 105 -20.00 21.24 -18.68
N ASP A 106 -20.99 21.38 -19.56
CA ASP A 106 -21.53 22.68 -19.97
C ASP A 106 -20.42 23.63 -20.42
N SER A 107 -19.62 23.17 -21.37
CA SER A 107 -18.45 23.92 -21.81
C SER A 107 -17.99 23.47 -23.18
N ASP A 108 -17.39 24.38 -23.92
CA ASP A 108 -16.83 24.11 -25.24
C ASP A 108 -15.30 23.94 -25.12
N ASP A 109 -14.83 24.01 -23.89
CA ASP A 109 -13.41 24.08 -23.61
C ASP A 109 -12.97 22.97 -22.64
N VAL A 110 -13.10 21.72 -23.06
CA VAL A 110 -12.80 20.58 -22.22
C VAL A 110 -11.59 19.82 -22.76
N PRO A 111 -10.56 19.62 -21.92
CA PRO A 111 -9.35 18.86 -22.26
C PRO A 111 -9.68 17.47 -22.80
N MET A 112 -9.25 17.19 -24.02
CA MET A 112 -9.57 15.94 -24.70
C MET A 112 -8.46 15.54 -25.61
N VAL A 113 -8.31 14.24 -25.82
CA VAL A 113 -7.42 13.73 -26.84
C VAL A 113 -8.18 12.67 -27.65
N LEU A 114 -8.08 12.73 -28.98
CA LEU A 114 -8.66 11.71 -29.83
C LEU A 114 -7.66 10.58 -30.04
N VAL A 115 -8.06 9.37 -29.71
CA VAL A 115 -7.16 8.22 -29.79
C VAL A 115 -7.70 7.19 -30.78
N GLY A 116 -6.89 6.85 -31.78
CA GLY A 116 -7.22 5.78 -32.70
C GLY A 116 -6.41 4.56 -32.32
N ASN A 117 -7.05 3.58 -31.68
CA ASN A 117 -6.35 2.42 -31.13
C ASN A 117 -6.27 1.26 -32.11
N LYS A 118 -5.49 0.25 -31.75
CA LYS A 118 -5.25 -0.97 -32.53
C LYS A 118 -4.47 -0.70 -33.82
N CYS A 119 -3.52 0.23 -33.75
CA CYS A 119 -2.73 0.59 -34.93
C CYS A 119 -1.64 -0.44 -35.25
N ASP A 120 -1.61 -1.54 -34.50
CA ASP A 120 -0.72 -2.67 -34.81
C ASP A 120 -1.32 -3.57 -35.88
N LEU A 121 -2.62 -3.45 -36.10
CA LEU A 121 -3.32 -4.26 -37.10
C LEU A 121 -3.19 -3.64 -38.49
N ALA A 122 -3.08 -4.49 -39.51
CA ALA A 122 -2.97 -4.03 -40.90
C ALA A 122 -4.32 -3.59 -41.49
N ALA A 123 -5.39 -4.30 -41.15
CA ALA A 123 -6.70 -4.06 -41.77
C ALA A 123 -7.38 -2.78 -41.29
N ARG A 124 -6.73 -1.64 -41.52
CA ARG A 124 -7.30 -0.34 -41.18
C ARG A 124 -8.56 0.04 -42.01
N THR A 125 -9.59 0.58 -41.37
CA THR A 125 -10.73 1.08 -42.13
C THR A 125 -11.01 2.57 -41.90
N VAL A 126 -10.40 3.17 -40.90
CA VAL A 126 -10.49 4.60 -40.72
C VAL A 126 -9.15 5.21 -41.08
N GLU A 127 -9.15 6.20 -41.96
CA GLU A 127 -7.87 6.78 -42.35
C GLU A 127 -7.43 7.89 -41.42
N SER A 128 -6.12 8.00 -41.24
CA SER A 128 -5.52 9.02 -40.40
C SER A 128 -6.05 10.41 -40.70
N ARG A 129 -6.10 10.73 -41.99
CA ARG A 129 -6.57 12.03 -42.46
C ARG A 129 -8.00 12.35 -41.99
N GLN A 130 -8.86 11.34 -42.07
CA GLN A 130 -10.25 11.46 -41.63
C GLN A 130 -10.32 11.78 -40.14
N ALA A 131 -9.57 11.02 -39.34
CA ALA A 131 -9.53 11.23 -37.90
C ALA A 131 -8.86 12.56 -37.55
N GLN A 132 -7.81 12.90 -38.28
CA GLN A 132 -7.10 14.16 -38.05
C GLN A 132 -7.99 15.37 -38.31
N ASP A 133 -8.78 15.32 -39.39
CA ASP A 133 -9.70 16.42 -39.70
C ASP A 133 -10.73 16.62 -38.61
N LEU A 134 -11.23 15.53 -38.06
CA LEU A 134 -12.17 15.61 -36.95
C LEU A 134 -11.51 16.19 -35.70
N ALA A 135 -10.28 15.78 -35.41
CA ALA A 135 -9.56 16.30 -34.26
C ALA A 135 -9.37 17.80 -34.37
N ARG A 136 -9.00 18.27 -35.55
CA ARG A 136 -8.80 19.71 -35.78
C ARG A 136 -10.08 20.50 -35.59
N SER A 137 -11.20 19.96 -36.05
CA SER A 137 -12.47 20.66 -35.88
C SER A 137 -12.86 20.72 -34.40
N TYR A 138 -12.33 19.81 -33.60
CA TYR A 138 -12.56 19.84 -32.14
C TYR A 138 -11.54 20.69 -31.40
N GLY A 139 -10.40 20.95 -32.05
CA GLY A 139 -9.31 21.69 -31.45
C GLY A 139 -8.43 20.85 -30.54
N ILE A 140 -8.30 19.57 -30.85
CA ILE A 140 -7.58 18.63 -29.97
C ILE A 140 -6.58 17.78 -30.76
N PRO A 141 -5.59 17.22 -30.05
CA PRO A 141 -4.63 16.35 -30.73
C PRO A 141 -5.21 14.98 -31.08
N TYR A 142 -4.63 14.37 -32.10
CA TYR A 142 -4.96 13.02 -32.49
C TYR A 142 -3.75 12.13 -32.34
N ILE A 143 -3.92 11.03 -31.62
CA ILE A 143 -2.82 10.11 -31.39
C ILE A 143 -3.26 8.67 -31.69
N GLU A 144 -2.46 7.97 -32.49
CA GLU A 144 -2.72 6.56 -32.78
C GLU A 144 -1.90 5.69 -31.82
N THR A 145 -2.52 4.63 -31.35
CA THR A 145 -1.91 3.82 -30.30
C THR A 145 -2.05 2.33 -30.56
N SER A 146 -1.25 1.55 -29.85
CA SER A 146 -1.49 0.12 -29.75
C SER A 146 -1.27 -0.30 -28.30
N ALA A 147 -2.32 -0.82 -27.67
CA ALA A 147 -2.21 -1.34 -26.33
C ALA A 147 -1.35 -2.58 -26.33
N LYS A 148 -1.28 -3.23 -27.48
CA LYS A 148 -0.52 -4.46 -27.61
C LYS A 148 0.99 -4.21 -27.63
N THR A 149 1.43 -3.28 -28.46
CA THR A 149 2.87 -2.99 -28.61
C THR A 149 3.38 -1.83 -27.74
N ARG A 150 2.46 -1.05 -27.17
CA ARG A 150 2.73 0.18 -26.39
C ARG A 150 2.97 1.44 -27.21
N GLN A 151 2.90 1.32 -28.53
CA GLN A 151 3.07 2.49 -29.38
C GLN A 151 2.02 3.54 -29.01
N GLY A 152 2.48 4.78 -28.82
CA GLY A 152 1.62 5.91 -28.56
C GLY A 152 0.94 5.98 -27.21
N VAL A 153 1.08 4.95 -26.37
CA VAL A 153 0.24 4.85 -25.18
C VAL A 153 0.56 5.94 -24.14
N GLU A 154 1.83 6.08 -23.76
CA GLU A 154 2.23 7.16 -22.84
C GLU A 154 1.96 8.53 -23.46
N ASP A 155 2.27 8.62 -24.74
CA ASP A 155 2.05 9.85 -25.47
C ASP A 155 0.59 10.31 -25.38
N ALA A 156 -0.36 9.39 -25.52
CA ALA A 156 -1.77 9.77 -25.44
C ALA A 156 -2.13 10.25 -24.04
N PHE A 157 -1.75 9.49 -23.02
CA PHE A 157 -2.15 9.84 -21.65
C PHE A 157 -1.46 11.10 -21.15
N TYR A 158 -0.18 11.25 -21.47
CA TYR A 158 0.57 12.36 -20.90
C TYR A 158 0.23 13.64 -21.66
N THR A 159 -0.14 13.51 -22.93
CA THR A 159 -0.67 14.66 -23.69
C THR A 159 -1.95 15.18 -23.02
N LEU A 160 -2.86 14.28 -22.66
CA LEU A 160 -4.08 14.69 -21.95
C LEU A 160 -3.74 15.42 -20.64
N VAL A 161 -2.75 14.91 -19.90
CA VAL A 161 -2.32 15.57 -18.66
C VAL A 161 -1.79 16.99 -18.92
N ARG A 162 -0.97 17.15 -19.97
CA ARG A 162 -0.44 18.46 -20.31
C ARG A 162 -1.56 19.45 -20.61
N GLU A 163 -2.58 18.98 -21.31
CA GLU A 163 -3.74 19.82 -21.61
C GLU A 163 -4.53 20.21 -20.37
N ILE A 164 -4.69 19.29 -19.42
CA ILE A 164 -5.33 19.65 -18.16
C ILE A 164 -4.49 20.67 -17.38
N ARG A 165 -3.17 20.57 -17.48
CA ARG A 165 -2.29 21.54 -16.83
CA ARG A 165 -2.26 21.53 -16.86
C ARG A 165 -2.49 22.95 -17.38
N GLN A 166 -2.52 23.08 -18.70
CA GLN A 166 -2.65 24.39 -19.36
C GLN A 166 -4.06 24.97 -19.30
N HIS A 167 -5.03 24.11 -18.99
CA HIS A 167 -6.43 24.52 -18.97
C HIS A 167 -6.68 25.59 -17.91
N GLY B 1 13.18 26.08 22.26
CA GLY B 1 13.04 26.81 23.50
C GLY B 1 12.87 25.88 24.69
N MET B 2 11.77 25.12 24.70
CA MET B 2 11.56 24.14 25.75
C MET B 2 12.31 22.85 25.45
N THR B 3 12.57 22.07 26.49
CA THR B 3 13.24 20.80 26.35
C THR B 3 12.38 19.81 25.60
N GLU B 4 12.98 19.12 24.64
CA GLU B 4 12.32 18.04 23.95
C GLU B 4 12.92 16.71 24.39
N TYR B 5 12.08 15.79 24.84
CA TYR B 5 12.54 14.45 25.22
C TYR B 5 12.17 13.43 24.15
N LYS B 6 13.15 12.67 23.68
CA LYS B 6 12.93 11.60 22.71
C LYS B 6 12.70 10.29 23.43
N LEU B 7 11.46 9.82 23.39
CA LEU B 7 11.08 8.60 24.09
C LEU B 7 10.86 7.46 23.10
N VAL B 8 11.35 6.27 23.45
CA VAL B 8 11.17 5.10 22.58
C VAL B 8 10.42 3.99 23.30
N VAL B 9 9.37 3.49 22.67
CA VAL B 9 8.58 2.38 23.20
C VAL B 9 9.06 1.05 22.59
N VAL B 10 9.36 0.07 23.44
CA VAL B 10 9.81 -1.24 22.94
C VAL B 10 9.04 -2.34 23.65
N GLY B 11 8.96 -3.51 23.01
CA GLY B 11 8.24 -4.62 23.57
C GLY B 11 7.70 -5.58 22.53
N ALA B 12 7.29 -6.77 22.96
CA ALA B 12 6.80 -7.78 22.05
C ALA B 12 5.63 -7.28 21.23
N GLY B 13 5.49 -7.82 20.02
CA GLY B 13 4.37 -7.44 19.18
C GLY B 13 3.11 -8.22 19.51
N GLY B 14 2.00 -7.76 18.97
CA GLY B 14 0.77 -8.53 19.01
C GLY B 14 -0.03 -8.46 20.29
N VAL B 15 0.40 -7.64 21.25
CA VAL B 15 -0.25 -7.68 22.55
C VAL B 15 -0.68 -6.33 23.08
N GLY B 16 -0.99 -5.40 22.18
CA GLY B 16 -1.61 -4.13 22.56
C GLY B 16 -0.67 -3.01 22.94
N LYS B 17 0.61 -3.17 22.65
CA LYS B 17 1.62 -2.18 22.98
C LYS B 17 1.28 -0.77 22.48
N SER B 18 0.70 -0.67 21.28
CA SER B 18 0.46 0.64 20.65
C SER B 18 -0.65 1.48 21.28
N ALA B 19 -1.48 0.85 22.11
CA ALA B 19 -2.55 1.57 22.81
C ALA B 19 -1.98 2.63 23.76
N LEU B 20 -0.79 2.36 24.30
CA LEU B 20 -0.11 3.30 25.19
C LEU B 20 0.14 4.67 24.57
N THR B 21 0.89 4.70 23.48
CA THR B 21 1.22 5.96 22.86
C THR B 21 -0.03 6.66 22.33
N ILE B 22 -0.92 5.86 21.74
CA ILE B 22 -2.18 6.38 21.20
C ILE B 22 -3.04 7.00 22.30
N GLN B 23 -3.21 6.31 23.44
CA GLN B 23 -4.02 6.85 24.52
C GLN B 23 -3.40 8.16 25.05
N LEU B 24 -2.08 8.28 25.01
CA LEU B 24 -1.41 9.49 25.44
C LEU B 24 -1.59 10.68 24.49
N ILE B 25 -1.25 10.48 23.22
CA ILE B 25 -1.25 11.55 22.24
C ILE B 25 -2.67 11.97 21.89
N GLN B 26 -3.57 11.04 21.96
CA GLN B 26 -4.96 11.27 21.64
C GLN B 26 -5.60 12.43 22.30
N ASN B 27 -6.77 12.76 21.76
CA ASN B 27 -7.67 13.78 22.29
C ASN B 27 -8.09 13.28 23.66
N HIS B 28 -8.24 11.97 23.72
CA HIS B 28 -8.56 11.25 24.91
C HIS B 28 -9.93 11.62 25.43
N PHE B 29 -10.78 12.00 24.48
CA PHE B 29 -12.18 12.27 24.70
C PHE B 29 -13.01 11.82 23.50
N VAL B 30 -12.30 11.29 22.53
CA VAL B 30 -12.88 10.70 21.34
C VAL B 30 -11.84 9.83 20.68
N ASP B 31 -12.15 8.56 20.53
CA ASP B 31 -11.29 7.66 19.76
C ASP B 31 -11.43 8.05 18.29
N GLU B 32 -10.41 8.70 17.72
CA GLU B 32 -10.50 9.17 16.32
C GLU B 32 -9.11 9.49 15.75
N TYR B 33 -8.23 8.49 15.78
CA TYR B 33 -6.80 8.64 15.53
C TYR B 33 -6.40 8.53 14.05
N ASP B 34 -5.48 9.39 13.63
CA ASP B 34 -4.87 9.28 12.30
C ASP B 34 -3.35 9.37 12.44
N PRO B 35 -2.67 8.22 12.44
CA PRO B 35 -1.22 8.17 12.63
C PRO B 35 -0.47 8.75 11.45
N THR B 36 -1.22 8.93 10.37
CA THR B 36 -0.72 9.42 9.09
C THR B 36 -0.23 10.87 9.19
N ILE B 37 -0.71 11.61 10.18
CA ILE B 37 -0.35 13.03 10.27
C ILE B 37 0.74 13.31 11.31
N GLU B 38 1.70 14.15 10.92
CA GLU B 38 2.71 14.63 11.86
C GLU B 38 2.04 15.58 12.82
N ASP B 39 2.17 15.30 14.14
CA ASP B 39 1.43 15.92 15.27
C ASP B 39 0.80 14.74 16.05
N SER B 40 0.94 13.54 15.49
CA SER B 40 0.37 12.34 16.10
C SER B 40 1.37 11.59 16.99
N TYR B 41 2.59 12.11 17.06
CA TYR B 41 3.62 11.54 17.93
C TYR B 41 4.44 12.59 18.67
N ARG B 42 3.95 13.84 18.64
CA ARG B 42 4.53 14.93 19.41
C ARG B 42 3.47 15.50 20.33
N LYS B 43 3.88 15.89 21.53
CA LYS B 43 2.90 16.33 22.52
C LYS B 43 3.54 17.20 23.57
N GLN B 44 2.94 18.36 23.77
CA GLN B 44 3.41 19.30 24.78
C GLN B 44 2.73 18.98 26.08
N VAL B 45 3.50 18.87 27.15
CA VAL B 45 2.96 18.50 28.45
C VAL B 45 3.63 19.30 29.56
N VAL B 46 2.95 19.40 30.69
CA VAL B 46 3.53 19.99 31.88
C VAL B 46 3.80 18.91 32.91
N ILE B 47 5.07 18.71 33.24
CA ILE B 47 5.46 17.71 34.22
C ILE B 47 6.19 18.38 35.36
N ASP B 48 5.60 18.29 36.56
CA ASP B 48 6.12 18.96 37.75
C ASP B 48 6.34 20.45 37.49
N GLY B 49 5.35 21.08 36.88
CA GLY B 49 5.42 22.51 36.58
C GLY B 49 6.29 22.89 35.40
N GLU B 50 7.18 22.00 34.98
CA GLU B 50 8.09 22.32 33.88
C GLU B 50 7.51 21.85 32.56
N THR B 51 7.26 22.78 31.65
CA THR B 51 6.71 22.47 30.33
C THR B 51 7.77 21.85 29.43
N CYS B 52 7.36 20.85 28.65
CA CYS B 52 8.29 20.18 27.75
C CYS B 52 7.56 19.53 26.60
N LEU B 53 8.34 19.13 25.60
CA LEU B 53 7.82 18.48 24.43
C LEU B 53 8.24 17.00 24.42
N LEU B 54 7.25 16.12 24.27
CA LEU B 54 7.50 14.69 24.15
C LEU B 54 7.52 14.25 22.69
N ASP B 55 8.62 13.64 22.27
CA ASP B 55 8.64 13.02 20.95
C ASP B 55 8.66 11.50 21.09
N ILE B 56 7.56 10.85 20.72
CA ILE B 56 7.44 9.41 20.93
C ILE B 56 7.64 8.59 19.66
N LEU B 57 8.61 7.69 19.72
CA LEU B 57 8.82 6.72 18.66
C LEU B 57 8.21 5.39 19.06
N ASP B 58 7.13 5.03 18.37
CA ASP B 58 6.47 3.74 18.58
C ASP B 58 6.34 3.04 17.25
N THR B 59 7.23 2.08 16.99
CA THR B 59 7.24 1.36 15.73
C THR B 59 6.44 0.06 15.80
N ALA B 60 5.36 0.04 16.57
CA ALA B 60 4.52 -1.15 16.68
C ALA B 60 4.07 -1.61 15.29
N GLY B 61 4.09 -2.92 15.06
CA GLY B 61 3.85 -3.48 13.75
C GLY B 61 5.12 -3.89 13.03
N GLN B 62 6.27 -3.35 13.45
CA GLN B 62 7.54 -3.61 12.79
C GLN B 62 8.45 -4.60 13.53
N GLU B 63 7.89 -5.34 14.46
CA GLU B 63 8.70 -6.18 15.35
C GLU B 63 9.49 -7.23 14.58
N GLU B 64 8.95 -7.68 13.46
CA GLU B 64 9.61 -8.69 12.65
C GLU B 64 10.87 -8.14 11.95
N TYR B 65 10.95 -6.82 11.76
CA TYR B 65 12.18 -6.17 11.26
C TYR B 65 13.21 -6.08 12.40
N SER B 66 13.72 -7.22 12.83
CA SER B 66 14.49 -7.25 14.08
C SER B 66 15.90 -6.64 13.94
N ALA B 67 16.41 -6.53 12.71
CA ALA B 67 17.74 -5.98 12.55
C ALA B 67 17.70 -4.45 12.50
N MET B 68 16.50 -3.87 12.58
CA MET B 68 16.34 -2.42 12.63
C MET B 68 16.19 -1.93 14.05
N ARG B 69 16.24 -2.85 15.01
CA ARG B 69 16.00 -2.46 16.40
C ARG B 69 17.05 -1.47 16.90
N ASP B 70 18.32 -1.80 16.67
CA ASP B 70 19.43 -0.95 17.10
C ASP B 70 19.28 0.50 16.63
N GLN B 71 19.00 0.68 15.34
CA GLN B 71 18.86 2.01 14.78
C GLN B 71 17.69 2.80 15.41
N TYR B 72 16.59 2.13 15.70
CA TYR B 72 15.45 2.80 16.31
C TYR B 72 15.77 3.21 17.75
N MET B 73 16.34 2.29 18.52
CA MET B 73 16.68 2.53 19.92
C MET B 73 17.70 3.65 20.09
N ARG B 74 18.67 3.69 19.17
CA ARG B 74 19.74 4.69 19.15
C ARG B 74 19.19 6.11 19.28
N THR B 75 17.99 6.33 18.74
CA THR B 75 17.37 7.66 18.70
C THR B 75 16.83 8.18 20.04
N GLY B 76 16.81 7.35 21.08
CA GLY B 76 16.08 7.70 22.29
C GLY B 76 16.87 8.02 23.53
N GLU B 77 16.36 8.92 24.37
CA GLU B 77 16.98 9.23 25.65
C GLU B 77 16.37 8.41 26.77
N GLY B 78 15.13 7.98 26.59
CA GLY B 78 14.46 7.16 27.60
C GLY B 78 13.61 6.11 26.93
N PHE B 79 13.35 5.02 27.65
CA PHE B 79 12.71 3.86 27.05
C PHE B 79 11.57 3.35 27.91
N LEU B 80 10.43 3.05 27.26
CA LEU B 80 9.38 2.30 27.92
C LEU B 80 9.48 0.88 27.43
N CYS B 81 9.71 -0.04 28.35
CA CYS B 81 9.77 -1.46 28.05
C CYS B 81 8.46 -2.08 28.46
N VAL B 82 7.68 -2.48 27.46
CA VAL B 82 6.29 -2.87 27.66
C VAL B 82 6.05 -4.36 27.48
N PHE B 83 5.32 -4.96 28.39
CA PHE B 83 4.88 -6.33 28.22
C PHE B 83 3.39 -6.38 28.52
N ALA B 84 2.72 -7.45 28.10
CA ALA B 84 1.31 -7.63 28.41
C ALA B 84 1.16 -8.55 29.62
N ILE B 85 0.27 -8.19 30.54
CA ILE B 85 0.15 -8.95 31.78
C ILE B 85 -0.54 -10.28 31.55
N ASN B 86 -1.11 -10.49 30.38
CA ASN B 86 -1.68 -11.80 30.06
C ASN B 86 -0.86 -12.58 29.03
N ASN B 87 0.41 -12.23 28.90
CA ASN B 87 1.31 -12.89 27.96
C ASN B 87 2.68 -13.05 28.56
N THR B 88 2.94 -14.24 29.09
CA THR B 88 4.16 -14.53 29.81
C THR B 88 5.38 -14.39 28.91
N LYS B 89 5.25 -14.77 27.66
CA LYS B 89 6.36 -14.66 26.72
C LYS B 89 6.85 -13.20 26.60
N SER B 90 5.92 -12.26 26.46
CA SER B 90 6.28 -10.84 26.36
C SER B 90 7.03 -10.33 27.60
N PHE B 91 6.67 -10.87 28.76
CA PHE B 91 7.37 -10.58 30.01
C PHE B 91 8.80 -11.14 30.00
N GLU B 92 8.95 -12.37 29.51
CA GLU B 92 10.27 -13.00 29.42
C GLU B 92 11.18 -12.36 28.39
N ASP B 93 10.60 -11.64 27.42
CA ASP B 93 11.40 -10.92 26.42
C ASP B 93 12.09 -9.71 27.03
N ILE B 94 11.58 -9.21 28.16
CA ILE B 94 12.03 -7.92 28.70
C ILE B 94 13.53 -7.87 28.90
N HIS B 95 14.07 -8.94 29.47
CA HIS B 95 15.50 -9.02 29.75
C HIS B 95 16.35 -8.73 28.50
N GLN B 96 16.01 -9.34 27.37
CA GLN B 96 16.82 -9.15 26.17
C GLN B 96 16.66 -7.74 25.61
N TYR B 97 15.48 -7.15 25.75
CA TYR B 97 15.29 -5.76 25.35
C TYR B 97 16.17 -4.80 26.16
N ARG B 98 16.25 -5.04 27.46
CA ARG B 98 17.05 -4.19 28.33
C ARG B 98 18.53 -4.32 27.98
N GLU B 99 19.00 -5.56 27.82
CA GLU B 99 20.37 -5.81 27.39
C GLU B 99 20.70 -5.11 26.08
N GLN B 100 19.77 -5.12 25.15
CA GLN B 100 19.99 -4.52 23.84
C GLN B 100 20.03 -2.99 23.89
N ILE B 101 19.17 -2.41 24.72
CA ILE B 101 19.22 -0.97 24.98
C ILE B 101 20.56 -0.54 25.61
N LYS B 102 21.01 -1.26 26.64
CA LYS B 102 22.31 -0.96 27.29
C LYS B 102 23.45 -1.02 26.28
N ARG B 103 23.44 -2.04 25.44
CA ARG B 103 24.46 -2.20 24.44
C ARG B 103 24.44 -1.06 23.43
N VAL B 104 23.26 -0.77 22.88
CA VAL B 104 23.11 0.34 21.92
C VAL B 104 23.48 1.69 22.53
N LYS B 105 23.16 1.91 23.80
CA LYS B 105 23.50 3.19 24.44
C LYS B 105 24.91 3.18 25.04
N ASP B 106 25.50 2.00 25.18
CA ASP B 106 26.85 1.83 25.75
C ASP B 106 26.90 2.34 27.19
N SER B 107 25.95 1.89 27.99
CA SER B 107 25.79 2.38 29.35
C SER B 107 25.02 1.40 30.21
N ASP B 108 25.40 1.28 31.48
CA ASP B 108 24.69 0.42 32.43
C ASP B 108 23.52 1.16 33.06
N ASP B 109 23.46 2.47 32.83
CA ASP B 109 22.49 3.31 33.50
C ASP B 109 21.72 4.14 32.47
N VAL B 110 20.64 3.56 31.96
CA VAL B 110 19.85 4.18 30.92
C VAL B 110 18.45 4.42 31.48
N PRO B 111 17.92 5.65 31.28
CA PRO B 111 16.56 5.98 31.77
C PRO B 111 15.53 5.05 31.16
N MET B 112 14.91 4.21 31.98
CA MET B 112 13.84 3.40 31.46
C MET B 112 12.84 3.03 32.54
N VAL B 113 11.62 2.74 32.09
CA VAL B 113 10.57 2.23 32.96
C VAL B 113 10.02 0.91 32.42
N LEU B 114 9.63 0.04 33.33
CA LEU B 114 8.98 -1.21 32.97
C LEU B 114 7.48 -0.98 33.02
N VAL B 115 6.76 -1.38 31.97
CA VAL B 115 5.33 -1.15 31.90
C VAL B 115 4.56 -2.45 31.64
N GLY B 116 3.73 -2.85 32.59
CA GLY B 116 2.83 -3.96 32.40
C GLY B 116 1.48 -3.46 31.89
N ASN B 117 1.07 -3.96 30.74
CA ASN B 117 -0.12 -3.43 30.10
C ASN B 117 -1.26 -4.46 30.03
N LYS B 118 -2.45 -4.03 30.43
CA LYS B 118 -3.63 -4.89 30.38
C LYS B 118 -4.44 -4.59 29.10
N CYS B 119 -4.30 -5.44 28.09
CA CYS B 119 -4.83 -5.12 26.77
C CYS B 119 -6.24 -5.65 26.53
N ASP B 120 -6.65 -6.64 27.31
CA ASP B 120 -8.04 -7.08 27.28
C ASP B 120 -8.48 -7.73 28.58
N LEU B 121 -9.64 -8.38 28.53
CA LEU B 121 -10.25 -8.95 29.73
C LEU B 121 -9.89 -10.42 29.90
N ALA B 122 -8.82 -10.85 29.24
CA ALA B 122 -8.30 -12.20 29.43
C ALA B 122 -7.58 -12.32 30.77
N ALA B 123 -7.32 -13.55 31.17
CA ALA B 123 -6.75 -13.84 32.48
C ALA B 123 -5.30 -13.39 32.58
N ARG B 124 -5.00 -12.67 33.66
CA ARG B 124 -3.65 -12.25 33.96
C ARG B 124 -2.76 -13.48 34.17
N THR B 125 -1.53 -13.47 33.66
CA THR B 125 -0.60 -14.57 33.91
C THR B 125 0.70 -14.09 34.53
N VAL B 126 0.96 -12.80 34.43
CA VAL B 126 2.08 -12.22 35.14
C VAL B 126 1.55 -11.44 36.32
N GLU B 127 1.84 -11.89 37.53
CA GLU B 127 1.40 -11.17 38.72
C GLU B 127 2.25 -9.92 38.89
N SER B 128 1.64 -8.85 39.43
CA SER B 128 2.35 -7.60 39.58
C SER B 128 3.55 -7.74 40.51
N ARG B 129 3.47 -8.68 41.46
CA ARG B 129 4.62 -8.88 42.34
C ARG B 129 5.87 -9.37 41.57
N GLN B 130 5.67 -10.22 40.56
CA GLN B 130 6.81 -10.70 39.75
C GLN B 130 7.45 -9.54 39.01
N ALA B 131 6.59 -8.68 38.45
CA ALA B 131 7.06 -7.51 37.71
C ALA B 131 7.76 -6.50 38.63
N GLN B 132 7.22 -6.28 39.82
CA GLN B 132 7.87 -5.40 40.80
C GLN B 132 9.27 -5.93 41.11
N ASP B 133 9.35 -7.23 41.42
CA ASP B 133 10.63 -7.88 41.72
C ASP B 133 11.63 -7.72 40.58
N LEU B 134 11.16 -7.92 39.34
CA LEU B 134 12.06 -7.76 38.21
C LEU B 134 12.53 -6.32 38.08
N ALA B 135 11.61 -5.36 38.25
CA ALA B 135 11.96 -3.95 38.16
C ALA B 135 12.96 -3.53 39.24
N ARG B 136 12.75 -4.03 40.45
CA ARG B 136 13.65 -3.70 41.56
C ARG B 136 15.08 -4.21 41.29
N SER B 137 15.18 -5.42 40.77
CA SER B 137 16.49 -5.98 40.47
C SER B 137 17.20 -5.19 39.37
N TYR B 138 16.45 -4.56 38.49
CA TYR B 138 17.04 -3.69 37.47
C TYR B 138 17.26 -2.27 37.97
N GLY B 139 16.64 -1.93 39.09
CA GLY B 139 16.70 -0.57 39.61
C GLY B 139 15.85 0.43 38.83
N ILE B 140 14.70 0.00 38.34
CA ILE B 140 13.83 0.91 37.58
C ILE B 140 12.38 0.88 38.09
N PRO B 141 11.61 1.93 37.78
CA PRO B 141 10.21 1.92 38.20
C PRO B 141 9.34 0.95 37.40
N TYR B 142 8.26 0.50 38.03
CA TYR B 142 7.28 -0.35 37.39
C TYR B 142 5.92 0.34 37.40
N ILE B 143 5.28 0.44 36.24
CA ILE B 143 3.94 1.01 36.12
C ILE B 143 3.00 0.05 35.43
N GLU B 144 1.81 -0.14 35.97
CA GLU B 144 0.79 -0.92 35.28
C GLU B 144 -0.24 -0.02 34.63
N THR B 145 -0.61 -0.35 33.40
CA THR B 145 -1.54 0.45 32.61
C THR B 145 -2.67 -0.36 32.05
N SER B 146 -3.77 0.31 31.74
CA SER B 146 -4.87 -0.32 31.04
C SER B 146 -5.01 0.26 29.63
N ALA B 147 -5.17 -0.62 28.64
CA ALA B 147 -5.22 -0.25 27.23
C ALA B 147 -6.59 0.27 26.79
N LYS B 148 -7.55 0.26 27.71
CA LYS B 148 -8.90 0.66 27.38
C LYS B 148 -9.36 1.88 28.13
N THR B 149 -8.95 1.99 29.39
CA THR B 149 -9.53 2.96 30.31
C THR B 149 -8.66 4.19 30.53
N ARG B 150 -7.53 4.22 29.83
CA ARG B 150 -6.52 5.26 29.97
C ARG B 150 -5.85 5.29 31.35
N GLN B 151 -6.14 4.31 32.18
CA GLN B 151 -5.50 4.23 33.49
C GLN B 151 -4.01 3.98 33.41
N GLY B 152 -3.23 4.84 34.06
CA GLY B 152 -1.81 4.62 34.23
C GLY B 152 -0.94 5.11 33.10
N VAL B 153 -1.55 5.53 31.99
CA VAL B 153 -0.81 5.92 30.80
C VAL B 153 0.08 7.15 31.07
N GLU B 154 -0.51 8.21 31.61
CA GLU B 154 0.26 9.42 31.92
C GLU B 154 1.37 9.16 32.90
N ASP B 155 1.04 8.38 33.92
CA ASP B 155 1.97 7.99 34.94
C ASP B 155 3.19 7.28 34.34
N ALA B 156 2.99 6.45 33.32
CA ALA B 156 4.11 5.73 32.73
C ALA B 156 5.06 6.68 32.01
N PHE B 157 4.50 7.57 31.20
CA PHE B 157 5.34 8.51 30.45
C PHE B 157 5.95 9.59 31.35
N TYR B 158 5.16 10.14 32.27
CA TYR B 158 5.69 11.17 33.16
C TYR B 158 6.79 10.62 34.07
N THR B 159 6.62 9.38 34.53
CA THR B 159 7.65 8.74 35.33
C THR B 159 8.93 8.60 34.54
N LEU B 160 8.82 8.29 33.25
CA LEU B 160 10.00 8.16 32.41
C LEU B 160 10.71 9.49 32.25
N VAL B 161 9.96 10.56 32.09
CA VAL B 161 10.56 11.89 31.97
C VAL B 161 11.28 12.27 33.28
N ARG B 162 10.72 11.86 34.41
CA ARG B 162 11.39 12.08 35.67
C ARG B 162 12.71 11.32 35.77
N GLU B 163 12.76 10.10 35.25
CA GLU B 163 14.00 9.33 35.23
C GLU B 163 15.06 10.01 34.37
N ILE B 164 14.63 10.64 33.28
CA ILE B 164 15.57 11.36 32.42
C ILE B 164 16.09 12.62 33.12
N ARG B 165 15.20 13.38 33.73
CA ARG B 165 15.57 14.61 34.42
C ARG B 165 16.52 14.36 35.59
N GLN B 166 16.40 13.20 36.22
CA GLN B 166 17.19 12.90 37.41
C GLN B 166 18.40 12.05 37.07
N HIS B 167 18.62 11.81 35.79
CA HIS B 167 19.73 10.97 35.40
C HIS B 167 21.05 11.74 35.54
N GLN C 2 -39.11 13.61 -9.83
CA GLN C 2 -38.36 12.65 -9.04
C GLN C 2 -39.00 11.26 -9.09
N MET C 3 -38.17 10.22 -9.01
CA MET C 3 -38.65 8.84 -9.08
C MET C 3 -39.22 8.33 -7.76
N ARG C 4 -40.33 7.63 -7.84
CA ARG C 4 -40.85 6.93 -6.69
C ARG C 4 -40.10 5.61 -6.52
N LEU C 5 -39.88 5.23 -5.27
CA LEU C 5 -39.11 4.03 -4.95
C LEU C 5 -40.07 2.91 -4.55
N PRO C 6 -39.60 1.66 -4.59
CA PRO C 6 -40.45 0.61 -4.01
C PRO C 6 -40.66 0.86 -2.53
N SER C 7 -41.68 0.25 -1.95
CA SER C 7 -41.93 0.37 -0.53
C SER C 7 -40.82 -0.30 0.29
N ALA C 8 -40.44 0.32 1.39
CA ALA C 8 -39.40 -0.21 2.26
C ALA C 8 -39.83 -1.52 2.91
N ASP C 9 -41.12 -1.80 2.86
CA ASP C 9 -41.66 -3.05 3.40
C ASP C 9 -41.42 -4.24 2.46
N VAL C 10 -41.27 -3.99 1.16
CA VAL C 10 -40.89 -5.07 0.25
C VAL C 10 -39.42 -4.99 -0.17
N TYR C 11 -38.80 -3.83 -0.02
CA TYR C 11 -37.42 -3.64 -0.47
C TYR C 11 -36.65 -2.75 0.51
N ARG C 12 -35.87 -3.38 1.38
CA ARG C 12 -35.19 -2.72 2.50
C ARG C 12 -34.27 -1.56 2.12
N PHE C 13 -33.76 -1.56 0.90
CA PHE C 13 -32.81 -0.54 0.47
C PHE C 13 -33.49 0.75 0.04
N ALA C 14 -34.78 0.88 0.35
CA ALA C 14 -35.53 2.09 0.00
C ALA C 14 -35.87 2.93 1.24
N GLU C 15 -35.48 2.45 2.42
CA GLU C 15 -35.50 3.26 3.63
C GLU C 15 -34.90 4.62 3.39
N PRO C 16 -35.58 5.68 3.85
CA PRO C 16 -34.99 7.03 3.75
C PRO C 16 -33.68 7.17 4.54
N ASP C 17 -32.72 7.91 4.00
CA ASP C 17 -31.56 8.35 4.76
C ASP C 17 -31.98 9.10 6.03
N SER C 18 -31.40 8.72 7.15
CA SER C 18 -31.57 9.48 8.39
C SER C 18 -30.30 9.35 9.24
N GLU C 19 -30.15 10.21 10.23
CA GLU C 19 -28.98 10.16 11.11
C GLU C 19 -28.91 8.86 11.91
N GLU C 20 -30.01 8.12 11.93
CA GLU C 20 -30.06 6.83 12.61
C GLU C 20 -29.54 5.66 11.77
N ASN C 21 -29.32 5.88 10.47
CA ASN C 21 -28.79 4.79 9.66
C ASN C 21 -27.62 5.20 8.78
N ILE C 22 -27.38 6.51 8.63
CA ILE C 22 -26.24 6.97 7.85
C ILE C 22 -25.78 8.37 8.23
N ILE C 23 -24.46 8.55 8.32
CA ILE C 23 -23.84 9.81 8.65
C ILE C 23 -22.75 10.16 7.66
N PHE C 24 -22.82 11.38 7.15
CA PHE C 24 -21.90 11.82 6.13
C PHE C 24 -20.82 12.67 6.73
N GLU C 25 -19.67 12.71 6.06
CA GLU C 25 -18.56 13.54 6.48
C GLU C 25 -18.85 15.00 6.13
N GLU C 26 -18.31 15.93 6.92
CA GLU C 26 -18.51 17.36 6.65
C GLU C 26 -17.67 17.83 5.46
N GLY C 33 -18.19 15.06 -7.18
CA GLY C 33 -18.97 15.79 -6.20
C GLY C 33 -19.90 14.87 -5.42
N ILE C 34 -19.34 13.77 -4.92
CA ILE C 34 -20.12 12.76 -4.23
C ILE C 34 -19.90 12.84 -2.72
N PRO C 35 -20.92 12.48 -1.92
CA PRO C 35 -20.78 12.52 -0.45
C PRO C 35 -19.74 11.53 0.05
N ILE C 36 -19.22 11.78 1.24
CA ILE C 36 -18.29 10.84 1.87
C ILE C 36 -18.95 10.29 3.14
N ILE C 37 -19.01 8.97 3.22
CA ILE C 37 -19.72 8.35 4.31
C ILE C 37 -18.83 8.20 5.53
N LYS C 38 -19.32 8.69 6.66
CA LYS C 38 -18.60 8.56 7.91
C LYS C 38 -18.98 7.25 8.61
N ALA C 39 -20.27 6.94 8.61
CA ALA C 39 -20.76 5.74 9.27
C ALA C 39 -22.12 5.34 8.71
N GLY C 40 -22.51 4.09 8.93
CA GLY C 40 -23.84 3.67 8.53
C GLY C 40 -24.14 2.24 8.93
N THR C 41 -25.41 1.84 8.79
CA THR C 41 -25.75 0.43 8.93
C THR C 41 -25.22 -0.30 7.70
N VAL C 42 -25.10 -1.62 7.81
CA VAL C 42 -24.67 -2.46 6.69
C VAL C 42 -25.56 -2.27 5.48
N ILE C 43 -26.86 -2.16 5.73
CA ILE C 43 -27.85 -1.96 4.67
C ILE C 43 -27.54 -0.69 3.89
N LYS C 44 -27.27 0.39 4.62
CA LYS C 44 -26.99 1.66 3.97
C LYS C 44 -25.63 1.65 3.27
N LEU C 45 -24.66 0.93 3.82
CA LEU C 45 -23.37 0.83 3.15
C LEU C 45 -23.52 0.11 1.82
N ILE C 46 -24.35 -0.93 1.80
CA ILE C 46 -24.52 -1.69 0.58
C ILE C 46 -25.37 -0.92 -0.46
N GLU C 47 -26.32 -0.12 0.00
CA GLU C 47 -27.06 0.74 -0.93
C GLU C 47 -26.14 1.74 -1.63
N ARG C 48 -25.24 2.36 -0.86
CA ARG C 48 -24.29 3.33 -1.40
C ARG C 48 -23.19 2.67 -2.24
N LEU C 49 -22.77 1.47 -1.85
CA LEU C 49 -21.88 0.66 -2.66
C LEU C 49 -22.41 0.40 -4.09
N THR C 50 -23.72 0.52 -4.26
CA THR C 50 -24.38 0.19 -5.51
C THR C 50 -25.40 1.29 -5.84
N TYR C 51 -25.06 2.53 -5.50
CA TYR C 51 -26.01 3.65 -5.65
C TYR C 51 -26.37 3.89 -7.11
N HIS C 52 -27.58 4.35 -7.35
CA HIS C 52 -28.02 4.52 -8.73
C HIS C 52 -27.60 5.86 -9.31
N MET C 53 -27.20 6.80 -8.45
CA MET C 53 -26.98 8.18 -8.90
C MET C 53 -25.57 8.51 -9.37
N TYR C 54 -24.57 7.79 -8.89
CA TYR C 54 -23.21 8.11 -9.30
C TYR C 54 -22.28 6.92 -9.31
N ALA C 55 -21.12 7.14 -9.92
CA ALA C 55 -20.06 6.15 -10.01
C ALA C 55 -19.01 6.46 -8.94
N ASP C 56 -18.57 5.43 -8.22
CA ASP C 56 -17.42 5.56 -7.34
C ASP C 56 -16.71 4.24 -7.11
N PRO C 57 -15.94 3.78 -8.13
CA PRO C 57 -15.27 2.47 -8.10
C PRO C 57 -14.34 2.31 -6.90
N ASN C 58 -13.82 3.43 -6.41
CA ASN C 58 -12.92 3.37 -5.27
C ASN C 58 -13.65 2.97 -3.99
N PHE C 59 -14.94 3.31 -3.89
CA PHE C 59 -15.76 2.82 -2.79
C PHE C 59 -15.82 1.29 -2.80
N VAL C 60 -15.98 0.71 -3.97
CA VAL C 60 -15.98 -0.76 -4.12
C VAL C 60 -14.70 -1.43 -3.63
N ARG C 61 -13.55 -0.84 -3.96
CA ARG C 61 -12.28 -1.43 -3.56
C ARG C 61 -12.18 -1.35 -2.05
N THR C 62 -12.51 -0.18 -1.52
CA THR C 62 -12.52 0.06 -0.09
C THR C 62 -13.38 -0.94 0.65
N PHE C 63 -14.62 -1.08 0.19
CA PHE C 63 -15.56 -1.97 0.84
C PHE C 63 -15.07 -3.42 0.78
N LEU C 64 -14.70 -3.89 -0.40
CA LEU C 64 -14.29 -5.29 -0.56
C LEU C 64 -13.00 -5.61 0.17
N THR C 65 -12.17 -4.59 0.40
CA THR C 65 -10.92 -4.79 1.13
C THR C 65 -11.16 -4.96 2.63
N THR C 66 -12.20 -4.29 3.15
CA THR C 66 -12.35 -4.12 4.60
C THR C 66 -13.63 -4.67 5.22
N TYR C 67 -14.55 -5.24 4.42
CA TYR C 67 -15.89 -5.50 4.95
C TYR C 67 -15.91 -6.61 6.01
N ARG C 68 -14.90 -7.47 6.01
CA ARG C 68 -14.93 -8.68 6.84
C ARG C 68 -14.88 -8.37 8.33
N SER C 69 -14.45 -7.16 8.69
CA SER C 69 -14.50 -6.70 10.08
C SER C 69 -15.90 -6.33 10.58
N PHE C 70 -16.88 -6.24 9.68
CA PHE C 70 -18.25 -5.95 10.15
C PHE C 70 -19.32 -6.83 9.49
N CYS C 71 -18.92 -7.72 8.60
CA CYS C 71 -19.90 -8.51 7.85
C CYS C 71 -19.25 -9.77 7.30
N LYS C 72 -19.92 -10.90 7.43
CA LYS C 72 -19.38 -12.17 6.92
C LYS C 72 -19.61 -12.31 5.43
N PRO C 73 -18.68 -12.98 4.74
CA PRO C 73 -18.81 -13.15 3.28
C PRO C 73 -20.17 -13.71 2.83
N GLN C 74 -20.60 -14.81 3.44
CA GLN C 74 -21.91 -15.38 3.15
C GLN C 74 -23.02 -14.34 3.32
N GLU C 75 -22.93 -13.52 4.34
CA GLU C 75 -23.97 -12.52 4.57
C GLU C 75 -23.90 -11.39 3.54
N LEU C 76 -22.69 -11.04 3.10
CA LEU C 76 -22.51 -10.02 2.07
C LEU C 76 -23.20 -10.43 0.78
N LEU C 77 -23.03 -11.68 0.39
CA LEU C 77 -23.60 -12.19 -0.85
C LEU C 77 -25.13 -12.19 -0.82
N SER C 78 -25.68 -12.63 0.31
CA SER C 78 -27.11 -12.57 0.52
C SER C 78 -27.63 -11.17 0.35
N LEU C 79 -26.93 -10.20 0.92
CA LEU C 79 -27.36 -8.82 0.89
C LEU C 79 -27.30 -8.20 -0.51
N ILE C 80 -26.31 -8.58 -1.31
CA ILE C 80 -26.24 -7.96 -2.63
C ILE C 80 -27.18 -8.68 -3.60
N ILE C 81 -27.46 -9.96 -3.38
CA ILE C 81 -28.46 -10.64 -4.17
C ILE C 81 -29.82 -9.99 -3.88
N GLU C 82 -30.06 -9.71 -2.62
CA GLU C 82 -31.27 -9.03 -2.23
C GLU C 82 -31.36 -7.62 -2.80
N ARG C 83 -30.23 -6.90 -2.90
CA ARG C 83 -30.19 -5.58 -3.50
C ARG C 83 -30.52 -5.66 -4.99
N PHE C 84 -30.11 -6.75 -5.62
CA PHE C 84 -30.30 -6.97 -7.05
C PHE C 84 -31.77 -7.18 -7.42
N GLU C 85 -32.53 -7.78 -6.51
CA GLU C 85 -33.91 -8.19 -6.80
C GLU C 85 -34.90 -7.09 -6.48
N ILE C 86 -34.99 -6.14 -7.41
CA ILE C 86 -35.79 -4.95 -7.26
C ILE C 86 -37.16 -5.15 -7.86
N PRO C 87 -38.23 -4.94 -7.05
CA PRO C 87 -39.62 -5.01 -7.52
C PRO C 87 -39.96 -3.90 -8.51
N GLU C 88 -40.63 -4.25 -9.60
CA GLU C 88 -41.07 -3.25 -10.56
C GLU C 88 -42.38 -2.65 -10.12
N PRO C 89 -42.58 -1.35 -10.39
CA PRO C 89 -43.84 -0.70 -10.01
C PRO C 89 -45.03 -1.16 -10.87
N GLU C 90 -46.24 -0.98 -10.35
CA GLU C 90 -47.45 -1.33 -11.09
C GLU C 90 -47.80 -0.19 -12.06
N PRO C 91 -48.63 -0.47 -13.07
CA PRO C 91 -49.00 0.58 -14.03
C PRO C 91 -49.63 1.80 -13.37
N THR C 92 -49.26 2.99 -13.81
CA THR C 92 -49.89 4.20 -13.31
C THR C 92 -51.32 4.32 -13.84
N GLU C 93 -52.00 5.39 -13.45
CA GLU C 93 -53.40 5.60 -13.82
C GLU C 93 -53.56 5.78 -15.34
N ALA C 94 -52.63 6.50 -15.97
CA ALA C 94 -52.65 6.65 -17.42
C ALA C 94 -52.48 5.30 -18.14
N ASP C 95 -51.62 4.46 -17.59
CA ASP C 95 -51.41 3.12 -18.16
C ASP C 95 -52.67 2.27 -18.02
N ARG C 96 -53.28 2.36 -16.84
CA ARG C 96 -54.47 1.60 -16.52
C ARG C 96 -55.59 1.93 -17.51
N ILE C 97 -55.68 3.20 -17.87
CA ILE C 97 -56.72 3.67 -18.75
C ILE C 97 -56.48 3.26 -20.21
N ALA C 98 -55.21 3.25 -20.62
CA ALA C 98 -54.86 2.74 -21.94
C ALA C 98 -55.24 1.26 -22.04
N ILE C 99 -54.86 0.47 -21.04
CA ILE C 99 -55.13 -0.96 -21.04
C ILE C 99 -56.63 -1.29 -21.08
N GLU C 100 -57.44 -0.45 -20.44
CA GLU C 100 -58.88 -0.68 -20.42
C GLU C 100 -59.55 -0.29 -21.73
N ASN C 101 -58.81 0.37 -22.62
CA ASN C 101 -59.30 0.71 -23.95
C ASN C 101 -58.64 -0.16 -25.01
N GLY C 102 -57.98 -1.23 -24.58
CA GLY C 102 -57.27 -2.11 -25.49
C GLY C 102 -56.09 -1.48 -26.23
N ASP C 103 -55.45 -0.49 -25.61
CA ASP C 103 -54.26 0.12 -26.21
C ASP C 103 -53.00 -0.28 -25.45
N GLN C 104 -51.85 -0.12 -26.08
CA GLN C 104 -50.59 -0.32 -25.37
C GLN C 104 -50.33 0.92 -24.51
N PRO C 105 -50.08 0.70 -23.22
CA PRO C 105 -49.74 1.82 -22.32
C PRO C 105 -48.40 2.45 -22.68
N LEU C 106 -48.24 3.74 -22.40
CA LEU C 106 -46.95 4.41 -22.58
C LEU C 106 -45.90 3.89 -21.60
N SER C 107 -46.34 3.50 -20.40
CA SER C 107 -45.46 2.98 -19.35
C SER C 107 -44.25 3.86 -19.09
N ALA C 108 -44.44 5.18 -19.13
CA ALA C 108 -43.34 6.14 -19.02
C ALA C 108 -42.60 6.04 -17.69
N GLU C 109 -43.34 5.84 -16.60
CA GLU C 109 -42.74 5.79 -15.28
C GLU C 109 -42.03 4.46 -15.08
N LEU C 110 -42.64 3.37 -15.53
CA LEU C 110 -42.00 2.07 -15.46
C LEU C 110 -40.68 2.08 -16.24
N LYS C 111 -40.70 2.72 -17.41
CA LYS C 111 -39.51 2.75 -18.25
C LYS C 111 -38.41 3.63 -17.66
N ARG C 112 -38.79 4.72 -17.02
CA ARG C 112 -37.80 5.59 -16.41
C ARG C 112 -37.18 4.91 -15.19
N PHE C 113 -38.02 4.18 -14.45
CA PHE C 113 -37.55 3.46 -13.27
C PHE C 113 -36.56 2.35 -13.67
N ARG C 114 -36.87 1.61 -14.72
CA ARG C 114 -35.98 0.57 -15.23
C ARG C 114 -34.64 1.13 -15.70
N LYS C 115 -34.68 2.28 -16.36
CA LYS C 115 -33.50 2.83 -16.99
C LYS C 115 -32.59 3.57 -16.01
N GLU C 116 -33.19 4.20 -15.01
CA GLU C 116 -32.45 5.06 -14.11
C GLU C 116 -32.27 4.52 -12.69
N TYR C 117 -33.07 3.50 -12.32
CA TYR C 117 -32.86 2.85 -11.01
C TYR C 117 -32.47 1.39 -11.15
N ILE C 118 -33.30 0.56 -11.78
CA ILE C 118 -33.01 -0.88 -11.83
C ILE C 118 -31.74 -1.23 -12.61
N GLN C 119 -31.56 -0.70 -13.81
CA GLN C 119 -30.37 -1.06 -14.58
C GLN C 119 -29.06 -0.56 -13.96
N PRO C 120 -28.99 0.71 -13.51
CA PRO C 120 -27.77 1.11 -12.82
C PRO C 120 -27.48 0.31 -11.55
N VAL C 121 -28.49 0.05 -10.71
CA VAL C 121 -28.24 -0.68 -9.47
C VAL C 121 -27.83 -2.13 -9.75
N GLN C 122 -28.42 -2.75 -10.76
CA GLN C 122 -28.09 -4.14 -11.05
C GLN C 122 -26.70 -4.25 -11.70
N LEU C 123 -26.34 -3.27 -12.51
CA LEU C 123 -25.01 -3.28 -13.13
C LEU C 123 -23.95 -3.15 -12.04
N ARG C 124 -24.21 -2.29 -11.07
CA ARG C 124 -23.27 -2.07 -10.01
C ARG C 124 -23.22 -3.23 -9.03
N VAL C 125 -24.33 -3.94 -8.82
CA VAL C 125 -24.26 -5.21 -8.08
C VAL C 125 -23.32 -6.16 -8.81
N LEU C 126 -23.48 -6.25 -10.13
CA LEU C 126 -22.63 -7.13 -10.92
C LEU C 126 -21.17 -6.68 -10.89
N ASN C 127 -20.93 -5.37 -10.89
CA ASN C 127 -19.57 -4.86 -10.76
C ASN C 127 -18.95 -5.23 -9.40
N VAL C 128 -19.74 -5.23 -8.34
CA VAL C 128 -19.22 -5.69 -7.04
C VAL C 128 -18.83 -7.17 -7.13
N CYS C 129 -19.67 -8.00 -7.77
CA CYS C 129 -19.35 -9.41 -7.95
C CYS C 129 -18.07 -9.63 -8.75
N ARG C 130 -17.91 -8.85 -9.82
CA ARG C 130 -16.76 -8.92 -10.69
C ARG C 130 -15.46 -8.58 -9.94
N HIS C 131 -15.47 -7.46 -9.23
CA HIS C 131 -14.32 -7.03 -8.46
C HIS C 131 -14.01 -8.00 -7.34
N TRP C 132 -15.06 -8.56 -6.75
CA TRP C 132 -14.94 -9.49 -5.64
C TRP C 132 -14.20 -10.73 -6.10
N VAL C 133 -14.55 -11.25 -7.28
CA VAL C 133 -13.94 -12.45 -7.82
C VAL C 133 -12.53 -12.18 -8.37
N GLU C 134 -12.35 -11.08 -9.10
CA GLU C 134 -11.04 -10.76 -9.63
C GLU C 134 -10.00 -10.38 -8.57
N HIS C 135 -10.35 -9.56 -7.59
CA HIS C 135 -9.33 -9.03 -6.69
C HIS C 135 -9.42 -9.50 -5.25
N HIS C 136 -10.40 -10.34 -4.93
CA HIS C 136 -10.54 -10.80 -3.54
C HIS C 136 -11.00 -12.24 -3.52
N PHE C 137 -10.48 -13.01 -4.48
CA PHE C 137 -10.90 -14.40 -4.69
C PHE C 137 -10.62 -15.31 -3.50
N TYR C 138 -9.80 -14.84 -2.56
CA TYR C 138 -9.44 -15.69 -1.43
C TYR C 138 -10.65 -16.01 -0.56
N ASP C 139 -11.67 -15.15 -0.55
CA ASP C 139 -12.93 -15.47 0.13
C ASP C 139 -13.51 -16.78 -0.42
N PHE C 140 -13.37 -16.97 -1.72
CA PHE C 140 -13.92 -18.14 -2.37
C PHE C 140 -13.01 -19.37 -2.25
N GLU C 141 -11.69 -19.14 -2.23
CA GLU C 141 -10.70 -20.21 -2.03
C GLU C 141 -10.82 -20.84 -0.65
N ARG C 142 -11.34 -20.07 0.31
CA ARG C 142 -11.42 -20.51 1.70
C ARG C 142 -12.82 -20.97 2.05
N ASP C 143 -13.73 -20.91 1.08
CA ASP C 143 -15.13 -21.28 1.29
C ASP C 143 -15.78 -21.63 -0.05
N ALA C 144 -15.69 -22.91 -0.43
CA ALA C 144 -16.20 -23.36 -1.71
C ALA C 144 -17.73 -23.23 -1.83
N TYR C 145 -18.44 -23.20 -0.71
CA TYR C 145 -19.90 -23.03 -0.76
C TYR C 145 -20.27 -21.59 -1.16
N LEU C 146 -19.44 -20.63 -0.77
CA LEU C 146 -19.63 -19.24 -1.16
C LEU C 146 -19.52 -19.12 -2.67
N LEU C 147 -18.59 -19.87 -3.24
CA LEU C 147 -18.36 -19.85 -4.68
C LEU C 147 -19.53 -20.44 -5.44
N GLN C 148 -20.10 -21.52 -4.91
CA GLN C 148 -21.23 -22.17 -5.56
C GLN C 148 -22.43 -21.23 -5.58
N ARG C 149 -22.65 -20.52 -4.48
CA ARG C 149 -23.75 -19.56 -4.43
C ARG C 149 -23.54 -18.45 -5.47
N MET C 150 -22.28 -18.01 -5.60
CA MET C 150 -21.96 -16.97 -6.56
C MET C 150 -22.19 -17.46 -7.98
N GLU C 151 -21.65 -18.64 -8.31
CA GLU C 151 -21.84 -19.25 -9.61
C GLU C 151 -23.33 -19.46 -9.92
N GLU C 152 -24.10 -19.89 -8.93
CA GLU C 152 -25.54 -20.07 -9.10
C GLU C 152 -26.24 -18.75 -9.37
N PHE C 153 -25.92 -17.75 -8.57
CA PHE C 153 -26.55 -16.44 -8.70
C PHE C 153 -26.31 -15.87 -10.09
N ILE C 154 -25.04 -15.78 -10.48
CA ILE C 154 -24.66 -15.26 -11.77
C ILE C 154 -25.28 -16.07 -12.91
N GLY C 155 -25.24 -17.40 -12.79
CA GLY C 155 -25.70 -18.26 -13.87
C GLY C 155 -27.21 -18.36 -14.00
N THR C 156 -27.96 -17.68 -13.13
CA THR C 156 -29.41 -17.66 -13.29
C THR C 156 -29.98 -16.25 -13.44
N VAL C 157 -29.11 -15.27 -13.66
CA VAL C 157 -29.56 -13.93 -14.02
C VAL C 157 -30.08 -13.93 -15.46
N ARG C 158 -31.32 -13.47 -15.63
CA ARG C 158 -31.93 -13.47 -16.95
C ARG C 158 -32.11 -12.04 -17.45
N GLY C 159 -32.40 -11.89 -18.74
CA GLY C 159 -32.61 -10.56 -19.26
C GLY C 159 -31.49 -10.17 -20.19
N LYS C 160 -31.84 -9.56 -21.31
CA LYS C 160 -30.84 -9.27 -22.33
C LYS C 160 -29.92 -8.13 -21.89
N ALA C 161 -30.42 -7.26 -21.03
CA ALA C 161 -29.66 -6.09 -20.60
C ALA C 161 -28.37 -6.48 -19.84
N MET C 162 -28.47 -7.43 -18.93
CA MET C 162 -27.33 -7.88 -18.11
C MET C 162 -26.46 -8.92 -18.81
N LYS C 163 -26.93 -9.45 -19.94
CA LYS C 163 -26.36 -10.65 -20.53
C LYS C 163 -24.84 -10.63 -20.83
N LYS C 164 -24.35 -9.53 -21.38
CA LYS C 164 -22.92 -9.44 -21.71
C LYS C 164 -22.01 -9.58 -20.49
N TRP C 165 -22.45 -9.04 -19.37
CA TRP C 165 -21.64 -9.06 -18.16
C TRP C 165 -21.79 -10.36 -17.39
N VAL C 166 -22.98 -10.95 -17.43
CA VAL C 166 -23.23 -12.24 -16.82
C VAL C 166 -22.33 -13.29 -17.47
N GLU C 167 -22.31 -13.30 -18.79
CA GLU C 167 -21.46 -14.25 -19.52
C GLU C 167 -20.00 -14.01 -19.20
N SER C 168 -19.64 -12.73 -19.07
CA SER C 168 -18.27 -12.35 -18.80
C SER C 168 -17.83 -12.84 -17.42
N ILE C 169 -18.63 -12.56 -16.40
CA ILE C 169 -18.29 -12.92 -15.03
C ILE C 169 -18.22 -14.44 -14.83
N THR C 170 -19.07 -15.16 -15.55
CA THR C 170 -19.01 -16.62 -15.56
C THR C 170 -17.67 -17.13 -16.08
N LYS C 171 -17.19 -16.58 -17.18
CA LYS C 171 -15.86 -16.94 -17.70
C LYS C 171 -14.73 -16.56 -16.75
N ILE C 172 -14.83 -15.39 -16.14
CA ILE C 172 -13.79 -14.93 -15.21
C ILE C 172 -13.71 -15.86 -14.01
N ILE C 173 -14.85 -16.23 -13.45
CA ILE C 173 -14.88 -17.17 -12.35
C ILE C 173 -14.20 -18.48 -12.73
N GLN C 174 -14.52 -19.01 -13.91
CA GLN C 174 -13.89 -20.25 -14.38
C GLN C 174 -12.36 -20.11 -14.52
N ARG C 175 -11.89 -19.07 -15.21
CA ARG C 175 -10.44 -18.80 -15.32
C ARG C 175 -9.76 -18.75 -13.97
N LYS C 176 -10.32 -17.96 -13.05
CA LYS C 176 -9.79 -17.85 -11.69
C LYS C 176 -9.70 -19.19 -10.97
N LYS C 177 -10.60 -20.12 -11.29
CA LYS C 177 -10.62 -21.39 -10.60
C LYS C 177 -9.42 -22.25 -10.95
N ILE C 178 -8.89 -22.11 -12.16
CA ILE C 178 -7.73 -22.90 -12.57
C ILE C 178 -6.44 -22.08 -12.54
N ALA C 179 -6.43 -21.06 -11.66
CA ALA C 179 -5.23 -20.25 -11.41
C ALA C 179 -4.23 -20.98 -10.56
N ASN C 187 3.55 -11.35 -17.81
CA ASN C 187 3.93 -11.04 -19.18
C ASN C 187 4.07 -9.53 -19.41
N ILE C 188 5.30 -9.07 -19.64
CA ILE C 188 5.61 -7.64 -19.61
C ILE C 188 6.16 -7.07 -20.91
N THR C 189 5.58 -5.95 -21.37
CA THR C 189 6.06 -5.22 -22.55
C THR C 189 6.84 -3.97 -22.13
N PHE C 190 7.98 -3.70 -22.76
CA PHE C 190 8.80 -2.60 -22.28
C PHE C 190 9.16 -1.54 -23.29
N GLN C 191 9.37 -1.95 -24.54
CA GLN C 191 9.75 -1.09 -25.68
C GLN C 191 11.27 -0.81 -25.71
N SER C 192 11.87 -0.47 -24.58
CA SER C 192 13.33 -0.36 -24.49
C SER C 192 13.91 -1.60 -23.82
N SER C 193 15.17 -1.92 -24.14
CA SER C 193 15.82 -3.11 -23.62
C SER C 193 16.48 -2.88 -22.26
N PRO C 194 16.53 -3.94 -21.43
CA PRO C 194 17.27 -3.89 -20.16
C PRO C 194 18.76 -3.76 -20.39
N PRO C 195 19.46 -3.04 -19.50
CA PRO C 195 20.91 -2.95 -19.65
C PRO C 195 21.57 -4.32 -19.58
N THR C 196 22.78 -4.42 -20.11
CA THR C 196 23.57 -5.65 -20.06
C THR C 196 23.97 -6.00 -18.62
N VAL C 197 23.94 -7.29 -18.31
CA VAL C 197 24.39 -7.78 -17.00
C VAL C 197 25.91 -7.54 -16.84
N GLU C 198 26.31 -6.99 -15.70
CA GLU C 198 27.72 -6.68 -15.44
C GLU C 198 28.42 -7.74 -14.59
N TRP C 199 29.64 -8.09 -14.97
CA TRP C 199 30.42 -9.09 -14.24
C TRP C 199 31.75 -8.50 -13.77
N HIS C 200 32.28 -9.04 -12.67
CA HIS C 200 33.49 -8.55 -12.04
C HIS C 200 34.52 -9.69 -11.95
N ILE C 201 34.90 -10.08 -10.73
CA ILE C 201 35.85 -11.17 -10.55
C ILE C 201 35.19 -12.54 -10.80
N SER C 202 34.05 -12.79 -10.17
CA SER C 202 33.28 -14.00 -10.46
C SER C 202 32.75 -13.93 -11.87
N ARG C 203 32.97 -14.99 -12.64
CA ARG C 203 32.50 -15.03 -14.02
C ARG C 203 31.18 -15.82 -14.11
N PRO C 204 30.42 -15.65 -15.21
CA PRO C 204 29.14 -16.37 -15.33
C PRO C 204 29.29 -17.87 -15.12
N GLY C 205 28.41 -18.45 -14.31
CA GLY C 205 28.47 -19.89 -14.07
C GLY C 205 29.23 -20.29 -12.81
N HIS C 206 30.18 -19.46 -12.38
CA HIS C 206 31.04 -19.83 -11.26
C HIS C 206 30.47 -19.44 -9.90
N ILE C 207 29.30 -19.98 -9.59
CA ILE C 207 28.54 -19.62 -8.39
C ILE C 207 29.27 -19.87 -7.08
N GLU C 208 30.25 -20.78 -7.10
CA GLU C 208 31.08 -21.11 -5.94
C GLU C 208 31.91 -19.92 -5.47
N THR C 209 32.34 -19.08 -6.41
CA THR C 209 33.18 -17.92 -6.08
C THR C 209 32.38 -16.69 -5.69
N PHE C 210 31.07 -16.69 -5.99
CA PHE C 210 30.18 -15.56 -5.72
C PHE C 210 30.31 -15.11 -4.27
N ASP C 211 30.41 -13.80 -4.08
CA ASP C 211 30.54 -13.20 -2.76
C ASP C 211 30.42 -11.68 -2.87
N LEU C 212 30.37 -11.01 -1.72
CA LEU C 212 30.17 -9.56 -1.67
C LEU C 212 31.14 -8.80 -2.57
N LEU C 213 32.41 -9.18 -2.56
CA LEU C 213 33.43 -8.41 -3.27
C LEU C 213 33.75 -8.94 -4.66
N THR C 214 33.33 -10.16 -4.96
CA THR C 214 33.65 -10.78 -6.24
C THR C 214 32.57 -10.57 -7.33
N LEU C 215 31.32 -10.39 -6.90
CA LEU C 215 30.27 -9.98 -7.81
C LEU C 215 30.38 -8.48 -8.06
N HIS C 216 29.85 -8.02 -9.19
CA HIS C 216 29.85 -6.62 -9.52
C HIS C 216 28.84 -5.89 -8.68
N PRO C 217 29.25 -4.80 -8.01
CA PRO C 217 28.29 -4.17 -7.10
C PRO C 217 27.05 -3.62 -7.83
N ILE C 218 27.18 -3.26 -9.10
CA ILE C 218 26.02 -2.83 -9.88
C ILE C 218 25.05 -3.99 -10.02
N GLU C 219 25.58 -5.18 -10.33
CA GLU C 219 24.71 -6.31 -10.54
C GLU C 219 24.15 -6.84 -9.23
N ILE C 220 24.87 -6.64 -8.12
CA ILE C 220 24.34 -6.99 -6.80
C ILE C 220 23.09 -6.17 -6.49
N ALA C 221 23.18 -4.86 -6.70
CA ALA C 221 22.06 -3.98 -6.43
C ALA C 221 20.88 -4.30 -7.35
N ARG C 222 21.14 -4.55 -8.64
CA ARG C 222 20.07 -4.86 -9.58
C ARG C 222 19.32 -6.14 -9.24
N GLN C 223 20.06 -7.20 -8.94
CA GLN C 223 19.43 -8.49 -8.69
C GLN C 223 18.70 -8.46 -7.35
N LEU C 224 19.23 -7.72 -6.37
CA LEU C 224 18.55 -7.60 -5.09
C LEU C 224 17.29 -6.77 -5.26
N THR C 225 17.35 -5.78 -6.15
CA THR C 225 16.19 -4.96 -6.44
C THR C 225 15.08 -5.76 -7.16
N LEU C 226 15.43 -6.59 -8.13
CA LEU C 226 14.45 -7.50 -8.75
C LEU C 226 13.82 -8.42 -7.72
N LEU C 227 14.66 -8.99 -6.86
CA LEU C 227 14.18 -9.89 -5.84
C LEU C 227 13.26 -9.19 -4.83
N GLU C 228 13.68 -8.02 -4.36
CA GLU C 228 12.90 -7.31 -3.35
C GLU C 228 11.60 -6.72 -3.96
N SER C 229 11.66 -6.35 -5.23
CA SER C 229 10.47 -5.91 -5.97
C SER C 229 9.43 -7.03 -6.09
N ASP C 230 9.88 -8.22 -6.48
CA ASP C 230 8.99 -9.37 -6.54
C ASP C 230 8.36 -9.70 -5.19
N LEU C 231 9.16 -9.63 -4.12
CA LEU C 231 8.62 -9.87 -2.79
C LEU C 231 7.59 -8.81 -2.41
N TYR C 232 7.89 -7.55 -2.72
CA TYR C 232 6.97 -6.46 -2.45
C TYR C 232 5.67 -6.63 -3.23
N ARG C 233 5.77 -7.04 -4.50
CA ARG C 233 4.59 -7.09 -5.37
C ARG C 233 3.68 -8.26 -5.03
N ALA C 234 4.17 -9.22 -4.23
CA ALA C 234 3.39 -10.40 -3.90
C ALA C 234 2.49 -10.23 -2.67
N VAL C 235 2.66 -9.16 -1.91
CA VAL C 235 1.86 -8.98 -0.70
C VAL C 235 0.44 -8.53 -1.02
N GLN C 236 -0.55 -9.27 -0.51
CA GLN C 236 -1.96 -8.98 -0.70
C GLN C 236 -2.52 -8.21 0.49
N PRO C 237 -3.58 -7.41 0.25
CA PRO C 237 -4.27 -6.73 1.36
C PRO C 237 -4.77 -7.69 2.44
N SER C 238 -5.13 -8.92 2.08
CA SER C 238 -5.60 -9.87 3.08
C SER C 238 -4.56 -10.20 4.16
N GLU C 239 -3.28 -9.93 3.88
CA GLU C 239 -2.22 -10.19 4.85
C GLU C 239 -2.04 -9.03 5.83
N LEU C 240 -2.79 -7.95 5.58
CA LEU C 240 -2.67 -6.71 6.35
C LEU C 240 -3.92 -6.35 7.16
N VAL C 241 -5.11 -6.42 6.55
CA VAL C 241 -6.32 -5.97 7.24
C VAL C 241 -6.57 -6.82 8.49
N GLY C 242 -7.05 -6.17 9.54
CA GLY C 242 -7.24 -6.84 10.81
C GLY C 242 -5.94 -7.06 11.56
N SER C 243 -4.85 -6.51 11.05
CA SER C 243 -3.51 -6.59 11.68
C SER C 243 -3.02 -8.03 11.87
N VAL C 244 -3.26 -8.88 10.90
CA VAL C 244 -3.06 -10.31 11.10
C VAL C 244 -1.60 -10.76 11.09
N TRP C 245 -0.67 -9.91 10.65
CA TRP C 245 0.76 -10.27 10.60
C TRP C 245 1.47 -10.20 11.99
N THR C 246 0.71 -9.64 12.93
CA THR C 246 1.10 -9.49 14.34
C THR C 246 0.44 -10.51 15.27
N LYS C 247 -0.52 -11.27 14.76
CA LYS C 247 -1.25 -12.23 15.59
C LYS C 247 -0.67 -13.65 15.50
N GLU C 248 -1.24 -14.55 16.30
CA GLU C 248 -0.75 -15.94 16.44
C GLU C 248 -0.60 -16.71 15.13
N ASP C 249 -1.53 -16.46 14.21
CA ASP C 249 -1.62 -17.17 12.93
C ASP C 249 -0.99 -16.38 11.78
N LYS C 250 0.00 -15.55 12.07
CA LYS C 250 0.60 -14.72 11.05
C LYS C 250 1.27 -15.53 9.94
N GLU C 251 1.85 -16.67 10.27
CA GLU C 251 2.48 -17.52 9.27
C GLU C 251 1.46 -18.11 8.31
N ILE C 252 0.23 -18.27 8.77
CA ILE C 252 -0.87 -18.74 7.94
C ILE C 252 -1.43 -17.58 7.11
N ASN C 253 -1.64 -16.44 7.77
CA ASN C 253 -2.34 -15.33 7.13
C ASN C 253 -1.46 -14.32 6.41
N SER C 254 -0.19 -14.20 6.80
CA SER C 254 0.70 -13.24 6.13
C SER C 254 2.01 -13.79 5.58
N PRO C 255 1.99 -14.93 4.87
CA PRO C 255 3.27 -15.55 4.51
C PRO C 255 4.11 -14.72 3.52
N ASN C 256 3.47 -14.00 2.61
CA ASN C 256 4.23 -13.18 1.67
C ASN C 256 4.87 -11.98 2.33
N LEU C 257 4.13 -11.31 3.21
CA LEU C 257 4.69 -10.21 3.98
C LEU C 257 5.89 -10.65 4.80
N LEU C 258 5.75 -11.76 5.52
CA LEU C 258 6.82 -12.19 6.41
C LEU C 258 8.06 -12.65 5.62
N LYS C 259 7.83 -13.24 4.46
CA LYS C 259 8.90 -13.67 3.57
C LYS C 259 9.71 -12.44 3.15
N MET C 260 8.99 -11.36 2.86
CA MET C 260 9.59 -10.12 2.45
C MET C 260 10.40 -9.52 3.58
N ILE C 261 9.85 -9.52 4.79
CA ILE C 261 10.54 -8.92 5.92
C ILE C 261 11.79 -9.74 6.29
N ARG C 262 11.69 -11.05 6.16
CA ARG C 262 12.79 -11.93 6.54
C ARG C 262 13.95 -11.80 5.57
N HIS C 263 13.64 -11.56 4.31
CA HIS C 263 14.68 -11.31 3.34
C HIS C 263 15.45 -10.03 3.71
N THR C 264 14.74 -8.98 4.07
CA THR C 264 15.34 -7.71 4.45
C THR C 264 16.25 -7.86 5.67
N THR C 265 15.76 -8.60 6.66
CA THR C 265 16.51 -8.89 7.88
C THR C 265 17.77 -9.71 7.59
N ASN C 266 17.62 -10.77 6.78
CA ASN C 266 18.75 -11.58 6.40
C ASN C 266 19.83 -10.79 5.66
N LEU C 267 19.40 -9.89 4.79
CA LEU C 267 20.36 -9.15 4.00
C LEU C 267 21.12 -8.15 4.88
N THR C 268 20.42 -7.52 5.81
CA THR C 268 21.03 -6.63 6.79
C THR C 268 22.08 -7.35 7.65
N LEU C 269 21.73 -8.54 8.15
CA LEU C 269 22.66 -9.34 8.94
C LEU C 269 23.86 -9.81 8.13
N TRP C 270 23.65 -10.12 6.86
CA TRP C 270 24.75 -10.49 5.97
C TRP C 270 25.76 -9.34 5.79
N PHE C 271 25.26 -8.12 5.62
CA PHE C 271 26.14 -6.96 5.56
C PHE C 271 26.96 -6.82 6.85
N GLU C 272 26.31 -6.89 8.00
CA GLU C 272 27.00 -6.83 9.29
C GLU C 272 28.06 -7.92 9.40
N LYS C 273 27.68 -9.14 9.04
CA LYS C 273 28.58 -10.27 9.10
C LYS C 273 29.78 -10.09 8.19
N CYS C 274 29.56 -9.69 6.94
CA CYS C 274 30.68 -9.42 6.02
C CYS C 274 31.67 -8.41 6.60
N ILE C 275 31.16 -7.41 7.32
CA ILE C 275 32.01 -6.38 7.90
C ILE C 275 32.82 -6.84 9.13
N VAL C 276 32.16 -7.33 10.18
CA VAL C 276 32.89 -7.69 11.40
C VAL C 276 33.73 -8.96 11.25
N GLU C 277 33.46 -9.79 10.24
CA GLU C 277 34.30 -10.95 10.03
C GLU C 277 35.49 -10.67 9.13
N THR C 278 35.65 -9.43 8.71
CA THR C 278 36.85 -8.97 8.03
C THR C 278 37.68 -8.21 9.06
N GLU C 279 38.68 -8.87 9.63
CA GLU C 279 39.36 -8.35 10.82
C GLU C 279 40.48 -7.37 10.48
N ASN C 280 41.16 -7.61 9.36
CA ASN C 280 42.09 -6.63 8.80
C ASN C 280 41.41 -5.30 8.47
N LEU C 281 41.95 -4.19 8.99
CA LEU C 281 41.33 -2.88 8.87
C LEU C 281 41.20 -2.42 7.43
N GLU C 282 42.29 -2.50 6.67
CA GLU C 282 42.28 -2.11 5.27
C GLU C 282 41.25 -2.89 4.43
N GLU C 283 41.13 -4.19 4.67
CA GLU C 283 40.16 -5.00 3.94
C GLU C 283 38.73 -4.67 4.38
N ARG C 284 38.54 -4.39 5.67
CA ARG C 284 37.22 -4.06 6.19
C ARG C 284 36.75 -2.74 5.59
N VAL C 285 37.67 -1.79 5.44
CA VAL C 285 37.37 -0.53 4.77
C VAL C 285 36.90 -0.77 3.32
N ALA C 286 37.52 -1.69 2.62
CA ALA C 286 37.10 -2.05 1.26
C ALA C 286 35.68 -2.63 1.25
N VAL C 287 35.38 -3.46 2.26
CA VAL C 287 34.07 -4.07 2.42
C VAL C 287 32.97 -3.03 2.69
N VAL C 288 33.21 -2.14 3.64
CA VAL C 288 32.25 -1.09 3.96
C VAL C 288 32.04 -0.20 2.75
N SER C 289 33.13 0.10 2.07
CA SER C 289 33.08 0.97 0.91
C SER C 289 32.28 0.34 -0.23
N ARG C 290 32.41 -0.97 -0.41
CA ARG C 290 31.64 -1.66 -1.43
C ARG C 290 30.13 -1.64 -1.10
N ILE C 291 29.80 -1.73 0.18
CA ILE C 291 28.40 -1.73 0.59
C ILE C 291 27.77 -0.35 0.39
N ILE C 292 28.55 0.71 0.59
CA ILE C 292 28.04 2.05 0.35
C ILE C 292 27.83 2.30 -1.15
N GLU C 293 28.64 1.66 -1.99
CA GLU C 293 28.45 1.73 -3.43
C GLU C 293 27.15 1.03 -3.87
N ILE C 294 26.87 -0.13 -3.26
CA ILE C 294 25.63 -0.86 -3.51
C ILE C 294 24.45 0.02 -3.07
N LEU C 295 24.58 0.66 -1.92
CA LEU C 295 23.56 1.60 -1.46
C LEU C 295 23.27 2.66 -2.51
N GLN C 296 24.31 3.18 -3.14
CA GLN C 296 24.21 4.22 -4.15
C GLN C 296 23.45 3.76 -5.39
N VAL C 297 23.68 2.52 -5.84
CA VAL C 297 22.88 1.99 -6.93
C VAL C 297 21.41 1.74 -6.48
N PHE C 298 21.20 1.31 -5.23
CA PHE C 298 19.85 1.21 -4.67
C PHE C 298 19.09 2.54 -4.82
N GLN C 299 19.73 3.65 -4.49
CA GLN C 299 19.12 4.97 -4.62
C GLN C 299 18.79 5.29 -6.08
N GLU C 300 19.72 5.00 -6.99
CA GLU C 300 19.49 5.22 -8.42
C GLU C 300 18.27 4.43 -8.90
N LEU C 301 18.03 3.26 -8.31
CA LEU C 301 16.93 2.39 -8.74
C LEU C 301 15.65 2.62 -7.95
N ASN C 302 15.64 3.62 -7.08
CA ASN C 302 14.53 3.84 -6.16
C ASN C 302 14.16 2.61 -5.33
N ASN C 303 15.15 1.80 -4.96
CA ASN C 303 14.89 0.68 -4.06
C ASN C 303 15.12 1.15 -2.61
N PHE C 304 14.08 1.71 -2.00
CA PHE C 304 14.18 2.27 -0.66
C PHE C 304 14.27 1.18 0.40
N ASN C 305 13.68 0.02 0.12
CA ASN C 305 13.90 -1.11 1.00
C ASN C 305 15.38 -1.49 1.07
N GLY C 306 16.06 -1.50 -0.08
CA GLY C 306 17.49 -1.77 -0.15
C GLY C 306 18.32 -0.75 0.61
N VAL C 307 18.01 0.53 0.38
CA VAL C 307 18.65 1.63 1.08
C VAL C 307 18.60 1.43 2.60
N LEU C 308 17.44 1.08 3.14
CA LEU C 308 17.30 0.96 4.57
C LEU C 308 17.93 -0.33 5.12
N GLU C 309 18.05 -1.36 4.28
CA GLU C 309 18.84 -2.52 4.65
C GLU C 309 20.26 -2.11 4.98
N VAL C 310 20.82 -1.23 4.15
CA VAL C 310 22.21 -0.82 4.33
C VAL C 310 22.32 0.10 5.53
N VAL C 311 21.44 1.07 5.61
CA VAL C 311 21.43 1.99 6.72
C VAL C 311 21.21 1.27 8.04
N SER C 312 20.34 0.25 8.07
CA SER C 312 20.12 -0.52 9.29
C SER C 312 21.39 -1.21 9.74
N ALA C 313 22.15 -1.72 8.77
CA ALA C 313 23.37 -2.45 9.05
C ALA C 313 24.47 -1.52 9.60
N MET C 314 24.62 -0.35 8.99
CA MET C 314 25.61 0.63 9.44
C MET C 314 25.26 1.21 10.82
N ASN C 315 23.98 1.22 11.18
CA ASN C 315 23.58 1.73 12.48
C ASN C 315 23.45 0.66 13.55
N SER C 316 23.75 -0.59 13.20
CA SER C 316 23.66 -1.66 14.17
C SER C 316 24.81 -1.55 15.17
N SER C 317 24.62 -2.16 16.33
CA SER C 317 25.62 -2.05 17.38
C SER C 317 27.01 -2.55 17.00
N PRO C 318 27.12 -3.72 16.34
CA PRO C 318 28.45 -4.17 15.94
C PRO C 318 29.18 -3.23 14.98
N VAL C 319 28.45 -2.58 14.08
CA VAL C 319 29.09 -1.84 13.00
C VAL C 319 29.25 -0.35 13.33
N TYR C 320 28.23 0.22 13.96
CA TYR C 320 28.21 1.65 14.28
C TYR C 320 29.44 2.12 15.06
N ARG C 321 29.95 1.25 15.93
CA ARG C 321 31.02 1.63 16.83
C ARG C 321 32.42 1.54 16.22
N LEU C 322 32.52 1.08 14.99
CA LEU C 322 33.82 0.91 14.34
C LEU C 322 34.40 2.22 13.81
N ASP C 323 34.75 3.12 14.72
CA ASP C 323 35.29 4.44 14.38
C ASP C 323 36.54 4.43 13.49
N HIS C 324 37.42 3.45 13.69
CA HIS C 324 38.66 3.38 12.91
C HIS C 324 38.40 3.04 11.46
N THR C 325 37.29 2.36 11.21
CA THR C 325 36.93 1.94 9.87
C THR C 325 36.33 3.12 9.12
N PHE C 326 35.43 3.83 9.79
CA PHE C 326 34.71 4.95 9.21
C PHE C 326 35.62 6.16 8.98
N GLU C 327 36.64 6.34 9.82
CA GLU C 327 37.68 7.36 9.58
C GLU C 327 38.32 7.24 8.20
N GLN C 328 38.52 6.01 7.75
CA GLN C 328 39.19 5.78 6.46
C GLN C 328 38.30 5.83 5.23
N ILE C 329 36.99 5.89 5.41
CA ILE C 329 36.07 5.93 4.29
C ILE C 329 36.14 7.29 3.60
N PRO C 330 36.18 7.32 2.25
CA PRO C 330 36.19 8.58 1.51
C PRO C 330 35.03 9.49 1.92
N SER C 331 35.28 10.79 2.02
CA SER C 331 34.24 11.74 2.44
C SER C 331 33.00 11.71 1.55
N ARG C 332 33.18 11.52 0.25
CA ARG C 332 32.07 11.46 -0.67
C ARG C 332 31.14 10.28 -0.32
N GLN C 333 31.70 9.18 0.18
CA GLN C 333 30.87 8.06 0.61
C GLN C 333 30.26 8.27 1.99
N LYS C 334 30.94 8.99 2.86
CA LYS C 334 30.34 9.35 4.15
C LYS C 334 29.09 10.18 3.91
N LYS C 335 29.16 11.06 2.93
CA LYS C 335 28.05 11.92 2.54
C LYS C 335 26.85 11.10 2.05
N ILE C 336 27.11 10.17 1.14
CA ILE C 336 26.08 9.29 0.62
C ILE C 336 25.39 8.51 1.75
N LEU C 337 26.18 7.96 2.66
CA LEU C 337 25.61 7.23 3.78
C LEU C 337 24.80 8.14 4.71
N GLU C 338 25.31 9.33 5.01
CA GLU C 338 24.63 10.20 5.97
C GLU C 338 23.29 10.72 5.42
N GLU C 339 23.25 10.99 4.11
CA GLU C 339 22.03 11.45 3.49
C GLU C 339 20.98 10.36 3.44
N ALA C 340 21.42 9.11 3.23
CA ALA C 340 20.52 7.95 3.28
C ALA C 340 19.93 7.77 4.68
N HIS C 341 20.76 7.99 5.69
CA HIS C 341 20.33 7.88 7.09
C HIS C 341 19.31 8.97 7.42
N GLU C 342 19.47 10.14 6.82
CA GLU C 342 18.54 11.23 7.11
C GLU C 342 17.13 10.98 6.59
N LEU C 343 16.98 10.04 5.67
CA LEU C 343 15.65 9.68 5.19
C LEU C 343 14.79 9.19 6.35
N SER C 344 15.44 8.53 7.31
CA SER C 344 14.70 7.88 8.39
C SER C 344 14.45 8.81 9.58
N GLU C 345 15.19 9.91 9.66
CA GLU C 345 15.06 10.84 10.77
C GLU C 345 13.70 11.51 10.80
N ASP C 346 13.30 11.93 12.00
CA ASP C 346 12.01 12.61 12.22
C ASP C 346 10.86 11.80 11.67
N HIS C 347 10.79 10.53 12.07
CA HIS C 347 9.70 9.67 11.64
C HIS C 347 9.58 9.64 10.12
N TYR C 348 10.72 9.45 9.46
CA TYR C 348 10.78 9.21 8.01
C TYR C 348 10.27 10.38 7.16
N LYS C 349 10.39 11.59 7.68
CA LYS C 349 9.94 12.78 6.99
C LYS C 349 10.49 12.88 5.55
N LYS C 350 11.80 12.80 5.39
CA LYS C 350 12.39 12.95 4.06
C LYS C 350 12.18 11.72 3.18
N TYR C 351 12.07 10.55 3.79
CA TYR C 351 11.71 9.36 3.04
C TYR C 351 10.35 9.53 2.36
N LEU C 352 9.35 9.91 3.15
CA LEU C 352 7.99 10.09 2.67
C LEU C 352 7.89 11.14 1.54
N ALA C 353 8.67 12.20 1.67
CA ALA C 353 8.68 13.26 0.67
C ALA C 353 9.35 12.76 -0.61
N LYS C 354 10.39 11.96 -0.46
CA LYS C 354 11.10 11.44 -1.61
C LYS C 354 10.30 10.36 -2.34
N LEU C 355 9.64 9.48 -1.60
CA LEU C 355 8.80 8.45 -2.17
C LEU C 355 7.70 9.07 -3.06
N ARG C 356 7.10 10.14 -2.58
CA ARG C 356 5.99 10.78 -3.29
C ARG C 356 6.46 11.68 -4.42
N SER C 357 7.76 11.77 -4.64
CA SER C 357 8.22 12.64 -5.70
C SER C 357 8.98 11.90 -6.81
N ILE C 358 9.33 10.63 -6.62
CA ILE C 358 10.08 9.94 -7.67
C ILE C 358 9.19 9.38 -8.77
N ASN C 359 9.83 8.97 -9.85
CA ASN C 359 9.18 8.30 -10.96
C ASN C 359 9.36 6.79 -10.80
N PRO C 360 8.26 6.06 -10.59
CA PRO C 360 8.36 4.60 -10.42
C PRO C 360 8.91 3.92 -11.68
N PRO C 361 9.29 2.64 -11.59
CA PRO C 361 9.20 1.68 -10.47
C PRO C 361 10.05 2.02 -9.25
N CYS C 362 9.56 1.61 -8.09
CA CYS C 362 10.31 1.71 -6.85
C CYS C 362 10.02 0.49 -5.98
N VAL C 363 10.79 0.35 -4.90
CA VAL C 363 10.46 -0.61 -3.85
C VAL C 363 10.37 0.12 -2.54
N PRO C 364 9.15 0.44 -2.09
CA PRO C 364 8.96 1.12 -0.81
C PRO C 364 9.49 0.33 0.39
N PHE C 365 9.74 1.05 1.47
CA PHE C 365 9.90 0.43 2.78
C PHE C 365 8.51 0.14 3.38
N PHE C 366 8.25 -1.13 3.66
CA PHE C 366 6.92 -1.59 4.07
C PHE C 366 6.60 -1.27 5.54
N GLY C 367 7.63 -1.08 6.35
CA GLY C 367 7.45 -0.90 7.78
C GLY C 367 6.54 0.23 8.17
N ILE C 368 6.66 1.35 7.47
CA ILE C 368 5.80 2.50 7.71
C ILE C 368 4.32 2.16 7.51
N TYR C 369 4.02 1.39 6.47
CA TYR C 369 2.65 1.00 6.21
C TYR C 369 2.07 0.14 7.33
N LEU C 370 2.86 -0.82 7.81
CA LEU C 370 2.42 -1.72 8.86
C LEU C 370 2.08 -0.94 10.11
N THR C 371 2.93 0.01 10.48
CA THR C 371 2.71 0.79 11.68
C THR C 371 1.46 1.67 11.54
N ASN C 372 1.27 2.29 10.38
CA ASN C 372 0.08 3.10 10.16
C ASN C 372 -1.21 2.29 10.15
N ILE C 373 -1.19 1.11 9.54
CA ILE C 373 -2.38 0.26 9.54
C ILE C 373 -2.71 -0.21 10.95
N LEU C 374 -1.71 -0.69 11.66
CA LEU C 374 -1.91 -1.17 13.02
C LEU C 374 -2.51 -0.08 13.90
N LYS C 375 -1.93 1.12 13.86
CA LYS C 375 -2.40 2.19 14.73
C LYS C 375 -3.79 2.71 14.34
N THR C 376 -4.08 2.72 13.04
CA THR C 376 -5.40 3.14 12.57
C THR C 376 -6.45 2.19 13.12
N GLU C 377 -6.15 0.90 13.04
CA GLU C 377 -7.08 -0.11 13.52
C GLU C 377 -7.20 -0.13 15.04
N GLU C 378 -6.15 0.30 15.74
CA GLU C 378 -6.12 0.26 17.19
C GLU C 378 -6.68 1.51 17.85
N GLY C 379 -6.57 2.66 17.18
CA GLY C 379 -6.97 3.92 17.77
C GLY C 379 -8.29 4.48 17.27
N ASN C 380 -9.09 3.64 16.62
CA ASN C 380 -10.40 4.04 16.14
C ASN C 380 -11.43 2.98 16.50
N PRO C 381 -12.63 3.41 16.90
CA PRO C 381 -13.66 2.43 17.26
C PRO C 381 -14.29 1.75 16.05
N GLU C 382 -14.70 0.50 16.22
CA GLU C 382 -15.41 -0.26 15.20
C GLU C 382 -16.78 0.32 14.89
N VAL C 383 -17.49 0.76 15.93
CA VAL C 383 -18.79 1.37 15.74
C VAL C 383 -18.85 2.76 16.34
N LEU C 384 -19.74 3.59 15.80
CA LEU C 384 -20.18 4.82 16.44
C LEU C 384 -21.62 4.66 16.94
N LYS C 385 -21.90 5.14 18.15
CA LYS C 385 -23.26 5.08 18.67
C LYS C 385 -23.97 6.40 18.47
N ARG C 386 -25.11 6.34 17.79
CA ARG C 386 -25.94 7.51 17.55
C ARG C 386 -27.41 7.16 17.76
N HIS C 387 -28.08 7.91 18.63
CA HIS C 387 -29.50 7.72 18.90
C HIS C 387 -29.85 6.29 19.29
N GLY C 388 -29.01 5.66 20.13
CA GLY C 388 -29.23 4.28 20.51
C GLY C 388 -28.85 3.23 19.47
N LYS C 389 -28.59 3.66 18.25
CA LYS C 389 -28.18 2.75 17.19
C LYS C 389 -26.66 2.59 17.13
N GLU C 390 -26.22 1.41 16.71
CA GLU C 390 -24.81 1.18 16.44
C GLU C 390 -24.53 1.28 14.94
N LEU C 391 -23.74 2.26 14.55
CA LEU C 391 -23.36 2.41 13.14
C LEU C 391 -21.94 1.92 12.92
N ILE C 392 -21.71 1.25 11.80
CA ILE C 392 -20.37 0.85 11.41
C ILE C 392 -19.53 2.10 11.14
N ASN C 393 -18.39 2.18 11.81
CA ASN C 393 -17.46 3.30 11.61
C ASN C 393 -16.70 3.11 10.31
N PHE C 394 -17.24 3.65 9.22
CA PHE C 394 -16.68 3.40 7.91
C PHE C 394 -15.42 4.21 7.62
N SER C 395 -15.29 5.38 8.25
CA SER C 395 -14.13 6.21 7.96
C SER C 395 -12.82 5.56 8.43
N LYS C 396 -12.91 4.71 9.45
CA LYS C 396 -11.78 3.90 9.89
C LYS C 396 -11.38 2.92 8.80
N ARG C 397 -12.37 2.33 8.14
CA ARG C 397 -12.14 1.40 7.04
C ARG C 397 -11.56 2.13 5.84
N ARG C 398 -12.05 3.34 5.57
CA ARG C 398 -11.51 4.10 4.44
C ARG C 398 -10.05 4.46 4.66
N LYS C 399 -9.67 4.81 5.89
CA LYS C 399 -8.27 5.08 6.22
C LYS C 399 -7.34 3.88 5.99
N VAL C 400 -7.79 2.69 6.36
CA VAL C 400 -6.98 1.49 6.14
C VAL C 400 -6.83 1.22 4.63
N ALA C 401 -7.90 1.41 3.87
CA ALA C 401 -7.89 1.17 2.43
C ALA C 401 -7.13 2.25 1.65
N GLU C 402 -6.99 3.43 2.24
CA GLU C 402 -6.10 4.42 1.64
C GLU C 402 -4.67 3.92 1.70
N ILE C 403 -4.31 3.27 2.81
CA ILE C 403 -2.98 2.71 2.94
C ILE C 403 -2.77 1.50 2.00
N THR C 404 -3.65 0.51 2.03
CA THR C 404 -3.49 -0.63 1.12
C THR C 404 -3.55 -0.18 -0.34
N GLY C 405 -4.34 0.83 -0.64
CA GLY C 405 -4.39 1.42 -1.96
C GLY C 405 -3.07 1.99 -2.43
N GLU C 406 -2.37 2.72 -1.57
CA GLU C 406 -1.05 3.25 -1.91
C GLU C 406 -0.01 2.12 -2.11
N ILE C 407 -0.08 1.09 -1.27
CA ILE C 407 0.75 -0.08 -1.44
C ILE C 407 0.55 -0.66 -2.83
N GLN C 408 -0.69 -0.92 -3.21
CA GLN C 408 -1.00 -1.48 -4.53
C GLN C 408 -0.55 -0.58 -5.67
N GLN C 409 -0.64 0.73 -5.50
CA GLN C 409 -0.22 1.65 -6.55
C GLN C 409 1.27 1.42 -6.92
N TYR C 410 2.13 1.24 -5.92
CA TYR C 410 3.55 1.04 -6.18
C TYR C 410 3.87 -0.38 -6.59
N GLN C 411 2.85 -1.24 -6.57
CA GLN C 411 3.03 -2.63 -6.97
C GLN C 411 2.80 -2.82 -8.47
N ASN C 412 2.31 -1.79 -9.16
CA ASN C 412 1.95 -1.95 -10.56
C ASN C 412 3.14 -1.95 -11.52
N GLN C 413 4.10 -1.04 -11.30
CA GLN C 413 5.16 -0.78 -12.27
C GLN C 413 6.34 -1.77 -12.15
N PRO C 414 6.62 -2.55 -13.20
CA PRO C 414 7.74 -3.51 -13.11
C PRO C 414 9.10 -2.90 -13.46
N TYR C 415 10.18 -3.45 -12.91
CA TYR C 415 11.54 -3.03 -13.25
C TYR C 415 11.99 -3.57 -14.60
N CYS C 416 12.59 -2.70 -15.41
CA CYS C 416 13.18 -3.14 -16.67
C CYS C 416 14.63 -3.59 -16.46
N LEU C 417 14.81 -4.80 -15.92
CA LEU C 417 16.14 -5.33 -15.64
C LEU C 417 16.14 -6.82 -15.92
N ARG C 418 17.27 -7.36 -16.36
CA ARG C 418 17.35 -8.77 -16.70
C ARG C 418 17.69 -9.58 -15.44
N VAL C 419 16.96 -10.66 -15.21
CA VAL C 419 17.30 -11.60 -14.14
C VAL C 419 18.55 -12.39 -14.50
N GLU C 420 19.45 -12.53 -13.54
CA GLU C 420 20.56 -13.46 -13.69
C GLU C 420 20.33 -14.60 -12.70
N SER C 421 19.95 -15.76 -13.22
CA SER C 421 19.45 -16.88 -12.42
C SER C 421 20.36 -17.33 -11.29
N ASP C 422 21.66 -17.40 -11.54
CA ASP C 422 22.60 -17.81 -10.52
C ASP C 422 22.78 -16.77 -9.41
N ILE C 423 22.81 -15.49 -9.76
CA ILE C 423 22.96 -14.45 -8.76
C ILE C 423 21.69 -14.35 -7.91
N LYS C 424 20.55 -14.51 -8.56
CA LYS C 424 19.27 -14.53 -7.86
C LYS C 424 19.22 -15.68 -6.85
N ARG C 425 19.59 -16.87 -7.31
CA ARG C 425 19.66 -18.07 -6.47
C ARG C 425 20.59 -17.87 -5.26
N PHE C 426 21.78 -17.35 -5.51
CA PHE C 426 22.76 -17.08 -4.45
C PHE C 426 22.17 -16.19 -3.33
N PHE C 427 21.44 -15.16 -3.71
CA PHE C 427 20.83 -14.28 -2.71
C PHE C 427 19.58 -14.87 -2.09
N GLU C 428 18.86 -15.70 -2.84
CA GLU C 428 17.69 -16.38 -2.26
C GLU C 428 18.11 -17.34 -1.16
N ASN C 429 19.26 -18.00 -1.34
CA ASN C 429 19.77 -18.94 -0.36
C ASN C 429 20.73 -18.35 0.69
N LEU C 430 20.88 -17.02 0.72
CA LEU C 430 21.72 -16.40 1.76
C LEU C 430 21.19 -16.77 3.13
N ASN C 431 22.07 -17.28 3.98
CA ASN C 431 21.67 -17.66 5.31
C ASN C 431 22.77 -17.32 6.31
N PRO C 432 22.95 -16.02 6.57
CA PRO C 432 24.05 -15.56 7.43
C PRO C 432 24.05 -16.19 8.82
N MET C 433 22.88 -16.48 9.37
CA MET C 433 22.80 -17.04 10.73
C MET C 433 23.14 -18.51 10.85
N GLY C 434 23.17 -19.23 9.73
CA GLY C 434 23.39 -20.66 9.75
C GLY C 434 22.35 -21.38 10.61
N ASN C 435 22.83 -22.24 11.52
CA ASN C 435 21.98 -23.01 12.41
C ASN C 435 21.78 -22.34 13.76
N SER C 436 22.39 -21.17 13.94
CA SER C 436 22.34 -20.45 15.20
C SER C 436 21.03 -19.72 15.38
N MET C 437 20.63 -19.58 16.64
CA MET C 437 19.52 -18.73 16.99
C MET C 437 19.95 -17.27 16.96
N GLU C 438 18.97 -16.39 16.79
CA GLU C 438 19.16 -14.95 16.62
C GLU C 438 20.05 -14.32 17.69
N LYS C 439 19.73 -14.56 18.95
CA LYS C 439 20.43 -13.94 20.07
C LYS C 439 21.91 -14.36 20.09
N GLU C 440 22.15 -15.64 19.91
CA GLU C 440 23.50 -16.20 19.89
C GLU C 440 24.31 -15.62 18.72
N PHE C 441 23.69 -15.46 17.56
CA PHE C 441 24.36 -14.92 16.39
C PHE C 441 24.64 -13.42 16.55
N THR C 442 23.67 -12.70 17.05
CA THR C 442 23.78 -11.30 17.40
C THR C 442 24.91 -11.02 18.40
N ASP C 443 25.06 -11.90 19.39
CA ASP C 443 26.12 -11.75 20.40
C ASP C 443 27.47 -12.01 19.77
N TYR C 444 27.50 -13.00 18.89
CA TYR C 444 28.69 -13.31 18.15
C TYR C 444 29.17 -12.09 17.35
N LEU C 445 28.27 -11.44 16.64
CA LEU C 445 28.64 -10.27 15.84
C LEU C 445 29.24 -9.16 16.70
N PHE C 446 28.65 -8.94 17.86
CA PHE C 446 29.12 -7.88 18.73
C PHE C 446 30.48 -8.21 19.36
N ASN C 447 30.70 -9.48 19.67
CA ASN C 447 32.00 -9.89 20.18
C ASN C 447 33.06 -9.75 19.11
N LYS C 448 32.71 -10.08 17.87
CA LYS C 448 33.64 -9.90 16.76
C LYS C 448 34.02 -8.43 16.66
N SER C 449 33.03 -7.55 16.79
CA SER C 449 33.25 -6.12 16.77
C SER C 449 34.21 -5.64 17.89
N LEU C 450 34.02 -6.14 19.09
CA LEU C 450 34.90 -5.82 20.23
C LEU C 450 36.32 -6.33 20.01
N GLU C 451 36.43 -7.47 19.33
CA GLU C 451 37.73 -8.07 19.05
C GLU C 451 38.52 -7.24 18.03
N ILE C 452 37.89 -6.87 16.91
CA ILE C 452 38.59 -6.17 15.84
C ILE C 452 38.82 -4.68 16.09
N GLU C 453 38.02 -4.07 16.96
CA GLU C 453 38.25 -2.71 17.43
C GLU C 453 37.85 -2.56 18.91
N PRO C 454 38.76 -2.90 19.82
CA PRO C 454 38.48 -2.91 21.26
C PRO C 454 38.02 -1.56 21.80
N ARG C 455 37.34 -1.54 22.93
CA ARG C 455 36.90 -0.27 23.51
C ARG C 455 38.09 0.55 23.97
N ASN C 456 37.94 1.87 23.96
CA ASN C 456 38.93 2.73 24.59
C ASN C 456 39.14 2.30 26.05
N PRO C 457 40.38 2.38 26.55
CA PRO C 457 41.57 2.89 25.89
C PRO C 457 42.44 1.80 25.31
N LYS C 458 41.90 0.58 25.26
CA LYS C 458 42.64 -0.56 24.73
C LYS C 458 43.05 -0.28 23.28
N PRO C 459 44.32 -0.50 22.96
CA PRO C 459 44.89 -0.17 21.64
C PRO C 459 44.43 -1.10 20.54
N LEU C 460 44.51 -0.60 19.31
CA LEU C 460 44.01 -1.31 18.14
C LEU C 460 45.00 -2.35 17.67
N PRO C 461 44.60 -3.63 17.66
CA PRO C 461 45.44 -4.75 17.22
C PRO C 461 45.60 -4.81 15.71
N ARG C 462 46.44 -5.72 15.21
CA ARG C 462 46.51 -5.98 13.78
C ARG C 462 46.12 -7.43 13.49
N PHE C 463 45.59 -7.57 12.28
CA PHE C 463 45.04 -8.84 11.82
C PHE C 463 45.50 -9.16 10.42
N PRO C 464 45.68 -10.45 10.12
CA PRO C 464 46.07 -10.86 8.76
C PRO C 464 44.95 -10.68 7.73
N LYS C 465 45.35 -10.48 6.48
CA LYS C 465 44.41 -10.34 5.38
C LYS C 465 43.79 -11.69 5.05
N LYS C 466 42.58 -11.69 4.49
CA LYS C 466 41.95 -12.95 4.12
C LYS C 466 41.55 -13.03 2.66
N TYR C 467 41.61 -11.92 1.94
CA TYR C 467 41.16 -11.96 0.55
C TYR C 467 42.34 -12.06 -0.39
N SER C 468 42.29 -13.04 -1.27
CA SER C 468 43.40 -13.34 -2.18
C SER C 468 43.25 -12.69 -3.54
N TYR C 469 42.11 -12.07 -3.77
CA TYR C 469 41.84 -11.39 -5.03
C TYR C 469 41.91 -9.88 -4.81
N PRO C 470 41.95 -9.08 -5.88
CA PRO C 470 42.06 -7.62 -5.66
C PRO C 470 40.81 -7.01 -5.01
N LEU C 471 41.01 -6.01 -4.17
CA LEU C 471 39.93 -5.35 -3.43
C LEU C 471 39.38 -4.10 -4.12
N LYS C 472 40.07 -3.63 -5.16
CA LYS C 472 39.66 -2.43 -5.85
C LYS C 472 38.29 -2.62 -6.49
N SER C 473 37.38 -1.67 -6.22
CA SER C 473 36.05 -1.73 -6.78
C SER C 473 36.03 -1.38 -8.26
N PRO C 474 35.21 -2.10 -9.05
CA PRO C 474 35.05 -1.66 -10.44
C PRO C 474 34.15 -0.40 -10.56
N GLY C 475 33.57 0.06 -9.45
CA GLY C 475 32.73 1.25 -9.47
C GLY C 475 31.27 0.99 -9.84
N VAL C 476 30.45 2.03 -9.72
CA VAL C 476 29.00 1.90 -9.89
C VAL C 476 28.46 2.56 -11.16
N ARG C 477 29.34 2.97 -12.07
CA ARG C 477 28.89 3.48 -13.37
C ARG C 477 28.84 2.33 -14.35
N PRO C 478 27.69 2.15 -15.01
CA PRO C 478 27.48 1.04 -15.93
C PRO C 478 28.31 1.17 -17.20
N SER C 479 28.67 0.04 -17.78
CA SER C 479 29.42 -0.01 -19.02
C SER C 479 28.48 -0.36 -20.16
N ASN C 480 28.90 -0.11 -21.39
CA ASN C 480 28.06 -0.45 -22.52
C ASN C 480 28.82 -0.68 -23.82
N PRO C 481 29.24 -1.93 -24.06
CA PRO C 481 29.78 -2.39 -25.35
C PRO C 481 28.74 -2.28 -26.47
N ARG C 482 29.17 -2.29 -27.72
CA ARG C 482 28.25 -2.10 -28.84
C ARG C 482 27.24 -3.24 -28.90
MG MG D . -13.24 -2.19 -20.89
PG GNP E . -15.59 -2.26 -23.01
O1G GNP E . -14.98 -2.17 -21.63
O2G GNP E . -16.72 -3.24 -23.11
O3G GNP E . -16.19 -0.97 -23.52
N3B GNP E . -14.38 -2.68 -24.01
PB GNP E . -12.91 -2.01 -24.12
O1B GNP E . -12.36 -1.82 -22.74
O2B GNP E . -13.01 -0.77 -24.92
O3A GNP E . -12.00 -2.96 -24.88
PA GNP E . -10.98 -3.95 -24.29
O1A GNP E . -9.82 -3.21 -23.76
O2A GNP E . -11.66 -4.89 -23.37
O5' GNP E . -10.38 -4.76 -25.49
C5' GNP E . -11.24 -5.38 -26.46
C4' GNP E . -10.48 -6.45 -27.23
O4' GNP E . -9.58 -5.81 -28.18
C3' GNP E . -9.62 -7.37 -26.38
O3' GNP E . -9.64 -8.67 -26.92
C2' GNP E . -8.23 -6.77 -26.52
O2' GNP E . -7.21 -7.74 -26.40
C1' GNP E . -8.26 -6.21 -27.94
N9 GNP E . -7.36 -5.05 -28.12
C8 GNP E . -7.37 -3.92 -27.36
N7 GNP E . -6.46 -3.05 -27.72
C5 GNP E . -5.82 -3.65 -28.79
C6 GNP E . -4.74 -3.18 -29.60
O6 GNP E . -4.13 -2.11 -29.53
N1 GNP E . -4.39 -4.08 -30.58
C2 GNP E . -4.99 -5.31 -30.78
N2 GNP E . -4.49 -6.02 -31.79
N3 GNP E . -6.00 -5.77 -30.03
C4 GNP E . -6.36 -4.90 -29.06
C10 5UW F . 31.76 2.36 10.46
C13 5UW F . 29.93 3.97 9.27
C15 5UW F . 29.01 6.65 13.22
C17 5UW F . 29.50 7.80 15.19
C21 5UW F . 30.28 6.80 17.45
C22 5UW F . 30.20 6.63 15.82
C01 5UW F . 29.11 4.90 11.48
C02 5UW F . 27.88 5.50 10.79
C03 5UW F . 26.74 4.75 10.71
C04 5UW F . 25.61 5.24 10.11
C05 5UW F . 25.60 6.50 9.59
C06 5UW F . 26.74 7.26 9.67
C07 5UW F . 27.88 6.76 10.27
C08 5UW F . 30.04 3.98 10.63
C09 5UW F . 30.96 3.16 11.24
C11 5UW F . 31.63 2.38 9.11
C12 5UW F . 30.73 3.18 8.50
C14 5UW F . 29.91 6.02 12.14
N16 5UW F . 29.71 7.77 13.79
C18 5UW F . 29.99 9.10 15.74
C19 5UW F . 29.84 9.07 17.24
N20 5UW F . 30.76 8.10 17.74
#